data_1LTA
#
_entry.id   1LTA
#
_cell.length_a   70.700
_cell.length_b   73.500
_cell.length_c   163.300
_cell.angle_alpha   90.00
_cell.angle_beta   90.00
_cell.angle_gamma   90.00
#
_symmetry.space_group_name_H-M   'P 21 21 21'
#
loop_
_entity.id
_entity.type
_entity.pdbx_description
1 polymer 'HEAT-LABILE ENTEROTOXIN, SUBUNIT B'
2 polymer 'HEAT-LABILE ENTEROTOXIN, SUBUNIT A'
3 polymer 'HEAT-LABILE ENTEROTOXIN, SUBUNIT A'
4 non-polymer beta-D-galactopyranose
5 water water
#
loop_
_entity_poly.entity_id
_entity_poly.type
_entity_poly.pdbx_seq_one_letter_code
_entity_poly.pdbx_strand_id
1 'polypeptide(L)'
;APQTITELCSEYRNTQIYTINDKILSYTESMAGKREMVIITFKSGETFQVEVPGSQHIDSQKKAIERMKDTLRITYLTET
KIDKLCVWNNKTPNSIAAISMKN
;
D,E,F,G,H
2 'polypeptide(L)'
;NGDRLYRADSRPPDEIKRSGGLMPRGHNEYFDRGTQMNINLYDHARGTQTGFVRYDDGYVSTSLSLRSAHLAGQSILSGY
STYYIYVIATAPNMFNVNDVLGVYSPHPYEQEVSALGGIPYSQIYGWYRVNFGVIDERLHRNREYRDRYYRNLNIAPAED
GYRLAGFPPDHQAWREEPWIHHAPQGCG
;
A
3 'polypeptide(L)' RTITGDTCNEETQNLSTIYLREYQSKVKRQIFSDYQSEVDIYNRIRDEL C
#
loop_
_chem_comp.id
_chem_comp.type
_chem_comp.name
_chem_comp.formula
GAL D-saccharide, beta linking beta-D-galactopyranose 'C6 H12 O6'
#
# COMPACT_ATOMS: atom_id res chain seq x y z
N ALA A 1 9.45 -29.56 -0.73
CA ALA A 1 9.01 -28.74 0.39
C ALA A 1 7.50 -28.93 0.46
N PRO A 2 6.78 -28.71 1.58
CA PRO A 2 5.32 -28.79 1.63
C PRO A 2 4.61 -27.89 0.63
N GLN A 3 3.40 -28.16 0.20
CA GLN A 3 2.78 -27.31 -0.80
C GLN A 3 1.59 -26.58 -0.24
N THR A 4 1.10 -26.90 0.98
CA THR A 4 -0.06 -26.28 1.57
C THR A 4 0.31 -26.07 3.02
N ILE A 5 -0.46 -25.22 3.69
CA ILE A 5 -0.23 -24.94 5.10
C ILE A 5 -0.57 -26.17 5.95
N THR A 6 -1.49 -27.01 5.50
CA THR A 6 -1.82 -28.21 6.24
C THR A 6 -0.68 -29.19 6.21
N GLU A 7 -0.04 -29.32 5.05
CA GLU A 7 1.08 -30.20 4.93
C GLU A 7 2.27 -29.69 5.72
N LEU A 8 2.49 -28.39 5.68
CA LEU A 8 3.57 -27.82 6.46
C LEU A 8 3.27 -28.02 7.94
N CYS A 9 2.07 -27.73 8.42
CA CYS A 9 1.77 -27.78 9.84
C CYS A 9 1.99 -29.15 10.49
N SER A 10 1.76 -30.18 9.67
CA SER A 10 1.90 -31.58 10.02
C SER A 10 3.31 -32.00 10.28
N GLU A 11 4.32 -31.29 9.80
CA GLU A 11 5.66 -31.70 10.10
C GLU A 11 6.05 -31.41 11.52
N TYR A 12 5.26 -30.72 12.34
CA TYR A 12 5.71 -30.35 13.66
C TYR A 12 4.81 -30.90 14.74
N ARG A 13 5.43 -31.06 15.91
CA ARG A 13 4.72 -31.48 17.10
C ARG A 13 4.04 -30.27 17.71
N ASN A 14 2.93 -30.62 18.34
CA ASN A 14 2.12 -29.71 19.11
C ASN A 14 1.53 -28.60 18.25
N THR A 15 1.14 -28.92 17.03
CA THR A 15 0.61 -27.89 16.20
C THR A 15 -0.83 -28.27 15.89
N GLN A 16 -1.58 -27.34 15.31
CA GLN A 16 -2.98 -27.50 14.95
C GLN A 16 -3.28 -26.46 13.89
N ILE A 17 -4.17 -26.79 12.98
CA ILE A 17 -4.67 -25.86 11.98
C ILE A 17 -5.96 -25.29 12.53
N TYR A 18 -6.10 -23.97 12.45
CA TYR A 18 -7.36 -23.29 12.69
C TYR A 18 -7.91 -22.77 11.36
N THR A 19 -9.18 -23.01 11.08
CA THR A 19 -9.90 -22.43 9.94
C THR A 19 -10.59 -21.18 10.50
N ILE A 20 -10.09 -20.00 10.12
CA ILE A 20 -10.56 -18.74 10.67
C ILE A 20 -11.56 -18.09 9.75
N ASN A 21 -11.08 -17.82 8.54
CA ASN A 21 -11.84 -17.19 7.49
C ASN A 21 -12.50 -15.88 7.90
N ASP A 22 -11.67 -14.98 8.46
CA ASP A 22 -12.16 -13.74 9.00
C ASP A 22 -11.00 -12.76 9.04
N LYS A 23 -11.31 -11.48 9.17
CA LYS A 23 -10.30 -10.46 9.31
C LYS A 23 -9.98 -10.33 10.78
N ILE A 24 -8.83 -9.73 11.10
CA ILE A 24 -8.43 -9.54 12.46
C ILE A 24 -9.26 -8.45 13.06
N LEU A 25 -9.71 -8.70 14.28
CA LEU A 25 -10.47 -7.74 15.05
C LEU A 25 -9.55 -6.78 15.78
N SER A 26 -8.50 -7.21 16.51
CA SER A 26 -7.61 -6.24 17.16
C SER A 26 -6.14 -6.64 17.06
N TYR A 27 -5.21 -5.70 17.11
CA TYR A 27 -3.80 -5.90 16.92
C TYR A 27 -3.17 -5.20 18.10
N THR A 28 -2.43 -5.91 18.95
CA THR A 28 -1.70 -5.31 20.04
C THR A 28 -0.21 -5.53 19.69
N GLU A 29 0.63 -4.49 19.84
CA GLU A 29 2.07 -4.48 19.60
C GLU A 29 2.78 -3.96 20.86
N SER A 30 3.80 -4.69 21.36
CA SER A 30 4.50 -4.30 22.55
C SER A 30 6.00 -4.17 22.36
N MET A 31 6.62 -3.13 22.97
CA MET A 31 8.07 -2.96 22.95
C MET A 31 8.64 -3.00 24.36
N ALA A 32 7.82 -3.45 25.32
CA ALA A 32 8.23 -3.61 26.69
C ALA A 32 9.21 -4.82 26.78
N GLY A 33 10.26 -4.65 27.60
CA GLY A 33 11.34 -5.59 27.74
C GLY A 33 10.81 -6.96 28.11
N LYS A 34 11.27 -7.96 27.37
CA LYS A 34 10.85 -9.36 27.43
C LYS A 34 9.40 -9.61 27.05
N ARG A 35 8.62 -8.63 26.57
CA ARG A 35 7.32 -8.90 25.99
C ARG A 35 7.31 -8.22 24.63
N GLU A 36 8.36 -8.29 23.86
CA GLU A 36 8.39 -7.68 22.51
C GLU A 36 7.66 -8.63 21.56
N MET A 37 6.36 -8.45 21.42
CA MET A 37 5.48 -9.44 20.78
C MET A 37 4.28 -8.74 20.14
N VAL A 38 3.49 -9.49 19.36
CA VAL A 38 2.29 -9.01 18.75
C VAL A 38 1.19 -9.99 19.16
N ILE A 39 -0.03 -9.56 19.41
CA ILE A 39 -1.16 -10.40 19.78
C ILE A 39 -2.24 -9.94 18.84
N ILE A 40 -2.96 -10.89 18.24
CA ILE A 40 -4.09 -10.55 17.39
C ILE A 40 -5.32 -11.28 17.90
N THR A 41 -6.54 -10.73 17.76
CA THR A 41 -7.72 -11.48 18.16
C THR A 41 -8.76 -11.38 17.08
N PHE A 42 -9.69 -12.32 17.12
CA PHE A 42 -10.82 -12.39 16.19
C PHE A 42 -12.11 -12.16 16.93
N LYS A 43 -13.19 -11.77 16.23
CA LYS A 43 -14.51 -11.58 16.78
C LYS A 43 -14.94 -12.82 17.56
N SER A 44 -14.53 -14.02 17.10
CA SER A 44 -14.85 -15.26 17.80
C SER A 44 -14.29 -15.28 19.19
N GLY A 45 -13.35 -14.38 19.47
CA GLY A 45 -12.64 -14.39 20.70
C GLY A 45 -11.37 -15.21 20.61
N GLU A 46 -10.99 -15.91 19.53
CA GLU A 46 -9.69 -16.62 19.48
C GLU A 46 -8.51 -15.62 19.50
N THR A 47 -7.47 -15.91 20.29
CA THR A 47 -6.34 -15.04 20.50
C THR A 47 -5.07 -15.81 20.19
N PHE A 48 -4.17 -15.15 19.46
CA PHE A 48 -2.92 -15.75 19.04
C PHE A 48 -1.80 -14.76 19.25
N GLN A 49 -0.55 -15.22 19.40
CA GLN A 49 0.60 -14.37 19.56
C GLN A 49 1.68 -14.71 18.56
N VAL A 50 2.59 -13.78 18.34
CA VAL A 50 3.86 -14.08 17.69
C VAL A 50 4.78 -14.07 18.92
N GLU A 51 5.45 -15.19 19.23
CA GLU A 51 6.26 -15.24 20.42
C GLU A 51 7.46 -14.30 20.42
N VAL A 52 7.91 -14.00 21.63
CA VAL A 52 9.16 -13.30 21.91
C VAL A 52 10.25 -14.22 21.36
N PRO A 53 11.29 -13.82 20.64
CA PRO A 53 12.34 -14.74 20.21
C PRO A 53 12.99 -15.41 21.41
N GLY A 54 13.24 -16.71 21.45
CA GLY A 54 13.79 -17.28 22.66
C GLY A 54 14.71 -18.42 22.30
N SER A 55 15.01 -19.20 23.31
CA SER A 55 15.88 -20.36 23.15
C SER A 55 15.30 -21.44 22.27
N GLN A 56 13.98 -21.55 22.23
CA GLN A 56 13.31 -22.50 21.37
C GLN A 56 13.37 -22.02 19.91
N HIS A 57 13.95 -20.86 19.56
CA HIS A 57 13.92 -20.46 18.16
C HIS A 57 15.31 -20.74 17.63
N ILE A 58 15.40 -21.32 16.43
CA ILE A 58 16.72 -21.37 15.84
C ILE A 58 17.02 -20.04 15.13
N ASP A 59 18.27 -19.85 14.79
CA ASP A 59 18.74 -18.63 14.19
C ASP A 59 17.95 -18.21 12.98
N SER A 60 17.71 -19.14 12.03
CA SER A 60 16.98 -18.80 10.85
C SER A 60 15.56 -18.30 11.13
N GLN A 61 14.98 -18.57 12.30
CA GLN A 61 13.63 -18.16 12.57
C GLN A 61 13.56 -16.71 12.99
N LYS A 62 14.66 -16.08 13.40
CA LYS A 62 14.58 -14.74 13.93
C LYS A 62 14.22 -13.77 12.85
N LYS A 63 14.71 -13.83 11.61
CA LYS A 63 14.25 -12.86 10.64
C LYS A 63 12.80 -13.17 10.18
N ALA A 64 12.35 -14.42 10.33
CA ALA A 64 11.02 -14.84 9.96
C ALA A 64 10.00 -14.42 10.99
N ILE A 65 10.38 -14.30 12.27
CA ILE A 65 9.53 -13.74 13.32
C ILE A 65 9.27 -12.28 12.96
N GLU A 66 10.29 -11.52 12.59
CA GLU A 66 10.12 -10.16 12.16
C GLU A 66 9.21 -10.01 10.96
N ARG A 67 9.38 -10.83 9.92
CA ARG A 67 8.50 -10.81 8.78
C ARG A 67 7.05 -11.11 9.16
N MET A 68 6.79 -12.08 10.03
CA MET A 68 5.44 -12.43 10.42
C MET A 68 4.76 -11.26 11.15
N LYS A 69 5.46 -10.51 11.96
CA LYS A 69 4.91 -9.34 12.61
C LYS A 69 4.52 -8.28 11.57
N ASP A 70 5.35 -8.11 10.55
CA ASP A 70 5.07 -7.18 9.44
C ASP A 70 3.85 -7.63 8.67
N THR A 71 3.69 -8.93 8.42
CA THR A 71 2.53 -9.43 7.71
C THR A 71 1.28 -9.26 8.53
N LEU A 72 1.29 -9.45 9.85
CA LEU A 72 0.07 -9.32 10.60
C LEU A 72 -0.37 -7.90 10.70
N ARG A 73 0.58 -6.95 10.76
CA ARG A 73 0.21 -5.55 10.81
C ARG A 73 -0.50 -5.11 9.54
N ILE A 74 0.10 -5.41 8.37
CA ILE A 74 -0.55 -4.99 7.16
C ILE A 74 -1.83 -5.77 6.89
N THR A 75 -1.98 -7.03 7.30
CA THR A 75 -3.22 -7.77 7.14
C THR A 75 -4.29 -7.12 8.01
N TYR A 76 -4.00 -6.67 9.24
CA TYR A 76 -4.99 -6.03 10.11
C TYR A 76 -5.47 -4.73 9.45
N LEU A 77 -4.50 -3.91 9.04
CA LEU A 77 -4.78 -2.59 8.53
C LEU A 77 -5.60 -2.66 7.28
N THR A 78 -5.29 -3.59 6.40
CA THR A 78 -6.07 -3.67 5.19
C THR A 78 -7.38 -4.44 5.33
N GLU A 79 -7.65 -5.04 6.50
CA GLU A 79 -8.82 -5.90 6.75
C GLU A 79 -8.97 -7.11 5.80
N THR A 80 -7.80 -7.69 5.50
CA THR A 80 -7.67 -8.88 4.68
C THR A 80 -8.06 -10.10 5.52
N LYS A 81 -8.92 -11.00 4.99
CA LYS A 81 -9.39 -12.21 5.64
C LYS A 81 -8.23 -13.21 5.72
N ILE A 82 -8.05 -13.80 6.89
CA ILE A 82 -7.08 -14.84 7.02
C ILE A 82 -7.86 -16.11 6.74
N ASP A 83 -7.23 -17.04 6.02
CA ASP A 83 -7.85 -18.32 5.75
C ASP A 83 -7.57 -19.26 6.91
N LYS A 84 -6.34 -19.73 7.13
CA LYS A 84 -6.00 -20.72 8.14
C LYS A 84 -4.79 -20.29 8.91
N LEU A 85 -4.66 -20.77 10.13
CA LEU A 85 -3.49 -20.50 10.92
C LEU A 85 -2.93 -21.85 11.32
N CYS A 86 -1.63 -22.03 11.24
CA CYS A 86 -1.01 -23.22 11.79
C CYS A 86 -0.43 -22.65 13.09
N VAL A 87 -0.76 -23.22 14.27
CA VAL A 87 -0.28 -22.70 15.55
C VAL A 87 0.36 -23.79 16.43
N TRP A 88 1.26 -23.43 17.33
CA TRP A 88 1.71 -24.33 18.35
C TRP A 88 0.72 -24.14 19.49
N ASN A 89 0.13 -25.26 19.92
CA ASN A 89 -0.89 -25.21 20.94
C ASN A 89 -0.40 -25.55 22.33
N ASN A 90 0.90 -25.57 22.58
CA ASN A 90 1.41 -25.76 23.91
C ASN A 90 1.84 -24.37 24.41
N LYS A 91 1.13 -23.32 24.06
CA LYS A 91 1.53 -21.96 24.36
C LYS A 91 0.22 -21.27 24.64
N THR A 92 0.14 -20.29 25.54
CA THR A 92 -1.07 -19.50 25.76
C THR A 92 -0.71 -18.02 25.70
N PRO A 93 -1.25 -17.22 24.78
CA PRO A 93 -2.12 -17.68 23.72
C PRO A 93 -1.36 -18.50 22.72
N ASN A 94 -2.03 -19.23 21.85
CA ASN A 94 -1.33 -20.12 20.92
C ASN A 94 -0.41 -19.34 20.01
N SER A 95 0.77 -19.83 19.61
CA SER A 95 1.57 -19.05 18.70
C SER A 95 1.58 -19.50 17.25
N ILE A 96 1.55 -18.50 16.37
CA ILE A 96 1.55 -18.71 14.93
C ILE A 96 2.90 -19.25 14.47
N ALA A 97 2.74 -20.31 13.66
CA ALA A 97 3.85 -20.96 12.96
C ALA A 97 3.73 -20.54 11.50
N ALA A 98 2.53 -20.47 10.97
CA ALA A 98 2.31 -20.17 9.56
C ALA A 98 0.92 -19.54 9.36
N ILE A 99 0.67 -18.80 8.28
CA ILE A 99 -0.60 -18.13 8.04
C ILE A 99 -0.97 -18.34 6.59
N SER A 100 -2.22 -18.44 6.15
CA SER A 100 -2.48 -18.52 4.74
C SER A 100 -3.67 -17.62 4.48
N MET A 101 -3.84 -17.09 3.28
CA MET A 101 -4.99 -16.27 3.00
C MET A 101 -5.23 -16.47 1.51
N LYS A 102 -6.48 -16.36 1.09
CA LYS A 102 -7.02 -16.75 -0.20
C LYS A 102 -7.94 -15.62 -0.68
N ASN A 103 -7.83 -15.34 -1.98
CA ASN A 103 -8.59 -14.31 -2.65
C ASN A 103 -9.62 -15.09 -3.50
N ALA B 1 23.69 -6.34 -19.14
CA ALA B 1 22.85 -7.15 -18.31
C ALA B 1 21.64 -7.58 -19.18
N PRO B 2 20.76 -8.50 -18.77
CA PRO B 2 19.51 -8.86 -19.40
C PRO B 2 18.52 -7.71 -19.44
N GLN B 3 17.70 -7.68 -20.48
CA GLN B 3 16.72 -6.63 -20.53
C GLN B 3 15.35 -7.13 -20.25
N THR B 4 15.06 -8.42 -20.34
CA THR B 4 13.72 -8.89 -20.08
C THR B 4 13.84 -10.13 -19.21
N ILE B 5 12.77 -10.52 -18.57
CA ILE B 5 12.76 -11.71 -17.76
C ILE B 5 13.09 -12.90 -18.63
N THR B 6 12.68 -12.96 -19.91
CA THR B 6 12.98 -14.15 -20.68
C THR B 6 14.47 -14.30 -20.98
N GLU B 7 15.16 -13.17 -21.07
CA GLU B 7 16.57 -13.14 -21.35
C GLU B 7 17.41 -13.54 -20.13
N LEU B 8 16.96 -13.13 -18.96
CA LEU B 8 17.61 -13.48 -17.71
C LEU B 8 17.37 -14.95 -17.40
N CYS B 9 16.15 -15.44 -17.59
CA CYS B 9 15.86 -16.84 -17.31
C CYS B 9 16.65 -17.87 -18.13
N SER B 10 16.97 -17.64 -19.40
CA SER B 10 17.70 -18.66 -20.11
C SER B 10 19.20 -18.61 -19.93
N GLU B 11 19.77 -17.76 -19.05
CA GLU B 11 21.20 -17.93 -18.79
C GLU B 11 21.39 -18.89 -17.61
N TYR B 12 20.35 -19.45 -17.04
CA TYR B 12 20.47 -20.35 -15.91
C TYR B 12 20.05 -21.73 -16.35
N ARG B 13 20.62 -22.77 -15.74
CA ARG B 13 20.28 -24.16 -15.98
C ARG B 13 19.11 -24.53 -15.11
N ASN B 14 18.20 -25.32 -15.63
CA ASN B 14 17.04 -25.81 -14.93
C ASN B 14 15.98 -24.74 -14.69
N THR B 15 15.75 -23.83 -15.62
CA THR B 15 14.80 -22.79 -15.41
C THR B 15 13.77 -22.92 -16.48
N GLN B 16 12.66 -22.25 -16.32
CA GLN B 16 11.69 -22.09 -17.37
C GLN B 16 10.74 -20.96 -17.04
N ILE B 17 10.15 -20.39 -18.07
CA ILE B 17 9.20 -19.33 -17.96
C ILE B 17 7.82 -19.93 -17.99
N TYR B 18 7.04 -19.43 -17.04
CA TYR B 18 5.65 -19.71 -16.94
C TYR B 18 5.03 -18.37 -17.20
N THR B 19 4.07 -18.30 -18.10
CA THR B 19 3.33 -17.07 -18.32
C THR B 19 2.05 -17.37 -17.56
N ILE B 20 1.87 -16.51 -16.56
CA ILE B 20 0.77 -16.61 -15.64
C ILE B 20 -0.30 -15.61 -16.00
N ASN B 21 0.01 -14.31 -16.01
CA ASN B 21 -0.93 -13.30 -16.33
C ASN B 21 -2.23 -13.43 -15.56
N ASP B 22 -2.05 -13.47 -14.25
CA ASP B 22 -3.16 -13.56 -13.32
C ASP B 22 -2.64 -13.12 -11.94
N LYS B 23 -3.53 -12.87 -11.00
CA LYS B 23 -3.22 -12.48 -9.64
C LYS B 23 -3.01 -13.73 -8.81
N ILE B 24 -2.40 -13.64 -7.64
CA ILE B 24 -2.14 -14.80 -6.80
C ILE B 24 -3.48 -15.14 -6.19
N LEU B 25 -3.80 -16.43 -6.13
CA LEU B 25 -5.00 -16.89 -5.50
C LEU B 25 -4.76 -17.00 -3.99
N SER B 26 -3.69 -17.70 -3.58
CA SER B 26 -3.35 -17.85 -2.18
C SER B 26 -1.86 -17.63 -1.89
N TYR B 27 -1.64 -17.18 -0.66
CA TYR B 27 -0.36 -16.81 -0.12
C TYR B 27 -0.28 -17.55 1.22
N THR B 28 0.81 -18.27 1.45
CA THR B 28 1.09 -18.90 2.72
C THR B 28 2.46 -18.40 3.17
N GLU B 29 2.65 -18.06 4.43
CA GLU B 29 3.94 -17.63 4.92
C GLU B 29 4.26 -18.44 6.19
N SER B 30 5.44 -19.08 6.31
CA SER B 30 5.81 -19.85 7.47
C SER B 30 7.04 -19.29 8.17
N MET B 31 7.01 -19.23 9.50
CA MET B 31 8.16 -18.93 10.29
C MET B 31 8.58 -20.22 11.03
N ALA B 32 8.15 -21.45 10.67
CA ALA B 32 8.52 -22.64 11.44
C ALA B 32 9.96 -23.07 11.12
N GLY B 33 10.72 -23.62 12.08
CA GLY B 33 12.14 -23.92 11.93
C GLY B 33 12.41 -24.79 10.73
N LYS B 34 13.31 -24.36 9.86
CA LYS B 34 13.69 -25.05 8.63
C LYS B 34 12.67 -24.89 7.54
N ARG B 35 11.52 -24.24 7.78
CA ARG B 35 10.59 -24.00 6.69
C ARG B 35 10.17 -22.57 6.69
N GLU B 36 11.16 -21.68 6.78
CA GLU B 36 10.89 -20.24 6.78
C GLU B 36 10.78 -19.89 5.30
N MET B 37 9.57 -19.83 4.75
CA MET B 37 9.34 -19.69 3.32
C MET B 37 7.97 -19.11 2.98
N VAL B 38 7.76 -18.84 1.70
CA VAL B 38 6.49 -18.38 1.22
C VAL B 38 6.10 -19.37 0.11
N ILE B 39 4.83 -19.72 0.07
CA ILE B 39 4.26 -20.53 -0.98
C ILE B 39 3.09 -19.74 -1.57
N ILE B 40 2.94 -19.64 -2.90
CA ILE B 40 1.83 -18.96 -3.58
C ILE B 40 1.17 -19.91 -4.57
N THR B 41 -0.13 -19.82 -4.83
CA THR B 41 -0.79 -20.65 -5.83
C THR B 41 -1.64 -19.76 -6.74
N PHE B 42 -1.93 -20.24 -7.96
CA PHE B 42 -2.75 -19.55 -8.93
C PHE B 42 -3.99 -20.38 -9.15
N LYS B 43 -5.04 -19.74 -9.64
CA LYS B 43 -6.33 -20.33 -9.96
C LYS B 43 -6.15 -21.58 -10.82
N SER B 44 -5.22 -21.45 -11.77
CA SER B 44 -4.87 -22.51 -12.69
C SER B 44 -4.26 -23.77 -12.07
N GLY B 45 -3.86 -23.72 -10.80
CA GLY B 45 -3.35 -24.90 -10.14
C GLY B 45 -1.87 -24.88 -9.83
N GLU B 46 -1.05 -24.07 -10.48
CA GLU B 46 0.38 -24.06 -10.17
C GLU B 46 0.68 -23.52 -8.78
N THR B 47 1.61 -24.19 -8.09
CA THR B 47 2.07 -23.85 -6.76
C THR B 47 3.54 -23.48 -6.92
N PHE B 48 4.05 -22.39 -6.33
CA PHE B 48 5.43 -22.00 -6.48
C PHE B 48 5.93 -21.61 -5.13
N GLN B 49 7.22 -21.76 -4.81
CA GLN B 49 7.72 -21.40 -3.49
C GLN B 49 8.85 -20.35 -3.53
N VAL B 50 9.12 -19.59 -2.46
CA VAL B 50 10.38 -18.87 -2.39
C VAL B 50 11.09 -19.84 -1.41
N GLU B 51 12.25 -20.34 -1.84
CA GLU B 51 13.04 -21.30 -1.08
C GLU B 51 13.57 -20.81 0.25
N VAL B 52 13.67 -21.68 1.28
CA VAL B 52 14.36 -21.40 2.56
C VAL B 52 15.80 -20.96 2.18
N PRO B 53 16.46 -19.89 2.68
CA PRO B 53 17.84 -19.56 2.34
C PRO B 53 18.72 -20.76 2.65
N GLY B 54 19.76 -21.10 1.89
CA GLY B 54 20.50 -22.32 2.20
C GLY B 54 21.90 -22.29 1.59
N SER B 55 22.64 -23.38 1.67
CA SER B 55 24.02 -23.48 1.17
C SER B 55 24.17 -23.15 -0.29
N GLN B 56 23.14 -23.35 -1.09
CA GLN B 56 23.26 -23.09 -2.49
C GLN B 56 23.08 -21.63 -2.79
N HIS B 57 22.83 -20.78 -1.81
CA HIS B 57 22.57 -19.42 -2.17
C HIS B 57 23.81 -18.59 -1.92
N ILE B 58 24.26 -17.74 -2.84
CA ILE B 58 25.38 -16.84 -2.58
C ILE B 58 24.93 -15.68 -1.68
N ASP B 59 25.84 -14.85 -1.15
CA ASP B 59 25.47 -13.83 -0.20
C ASP B 59 24.55 -12.83 -0.84
N SER B 60 24.80 -12.36 -2.07
CA SER B 60 23.89 -11.41 -2.71
C SER B 60 22.42 -11.87 -2.87
N GLN B 61 22.18 -13.18 -2.97
CA GLN B 61 20.85 -13.76 -3.04
C GLN B 61 20.12 -13.79 -1.71
N LYS B 62 20.83 -13.91 -0.59
CA LYS B 62 20.20 -13.95 0.74
C LYS B 62 19.43 -12.64 0.95
N LYS B 63 19.95 -11.50 0.45
CA LYS B 63 19.24 -10.23 0.54
C LYS B 63 18.07 -10.14 -0.44
N ALA B 64 18.22 -10.60 -1.67
CA ALA B 64 17.19 -10.57 -2.68
C ALA B 64 16.09 -11.55 -2.34
N ILE B 65 16.30 -12.63 -1.60
CA ILE B 65 15.25 -13.56 -1.17
C ILE B 65 14.26 -12.78 -0.27
N GLU B 66 14.73 -11.90 0.64
CA GLU B 66 13.83 -11.21 1.54
C GLU B 66 13.02 -10.15 0.77
N ARG B 67 13.63 -9.48 -0.22
CA ARG B 67 12.96 -8.51 -1.06
C ARG B 67 11.83 -9.22 -1.81
N MET B 68 12.07 -10.41 -2.35
CA MET B 68 11.07 -11.15 -3.13
C MET B 68 9.84 -11.50 -2.30
N LYS B 69 10.09 -11.94 -1.06
CA LYS B 69 8.96 -12.24 -0.19
C LYS B 69 8.15 -11.01 0.12
N ASP B 70 8.75 -9.82 0.25
CA ASP B 70 8.00 -8.56 0.42
C ASP B 70 7.21 -8.19 -0.83
N THR B 71 7.80 -8.39 -2.03
CA THR B 71 7.08 -8.07 -3.25
C THR B 71 5.87 -8.97 -3.37
N LEU B 72 6.02 -10.26 -3.09
CA LEU B 72 4.89 -11.17 -3.24
C LEU B 72 3.77 -10.88 -2.26
N ARG B 73 4.07 -10.41 -1.03
CA ARG B 73 3.02 -10.12 -0.06
C ARG B 73 2.13 -8.98 -0.56
N ILE B 74 2.72 -7.83 -0.94
CA ILE B 74 1.95 -6.68 -1.38
C ILE B 74 1.37 -6.93 -2.76
N THR B 75 2.00 -7.70 -3.65
CA THR B 75 1.35 -8.08 -4.89
C THR B 75 0.08 -8.88 -4.63
N TYR B 76 0.10 -9.83 -3.68
CA TYR B 76 -1.04 -10.63 -3.34
C TYR B 76 -2.16 -9.73 -2.76
N LEU B 77 -1.83 -8.94 -1.78
CA LEU B 77 -2.81 -8.10 -1.13
C LEU B 77 -3.51 -7.11 -2.05
N THR B 78 -2.86 -6.59 -3.09
CA THR B 78 -3.51 -5.60 -3.91
C THR B 78 -4.07 -6.29 -5.14
N GLU B 79 -3.94 -7.62 -5.28
CA GLU B 79 -4.44 -8.35 -6.43
C GLU B 79 -3.81 -7.92 -7.77
N THR B 80 -2.55 -7.45 -7.76
CA THR B 80 -1.88 -7.07 -8.99
C THR B 80 -1.61 -8.34 -9.79
N LYS B 81 -1.75 -8.30 -11.11
CA LYS B 81 -1.48 -9.45 -11.92
C LYS B 81 0.00 -9.72 -12.12
N ILE B 82 0.45 -10.96 -12.04
CA ILE B 82 1.81 -11.30 -12.35
C ILE B 82 1.77 -11.70 -13.80
N ASP B 83 2.71 -11.21 -14.56
CA ASP B 83 2.79 -11.52 -15.97
C ASP B 83 3.52 -12.84 -16.21
N LYS B 84 4.81 -12.92 -15.89
CA LYS B 84 5.59 -14.16 -16.09
C LYS B 84 6.38 -14.47 -14.84
N LEU B 85 6.81 -15.72 -14.68
CA LEU B 85 7.68 -16.18 -13.61
C LEU B 85 8.78 -16.97 -14.25
N CYS B 86 10.00 -16.84 -13.76
CA CYS B 86 11.09 -17.67 -14.23
C CYS B 86 11.30 -18.56 -13.03
N VAL B 87 11.24 -19.90 -13.14
CA VAL B 87 11.41 -20.76 -11.97
C VAL B 87 12.50 -21.79 -12.17
N TRP B 88 13.15 -22.24 -11.13
CA TRP B 88 14.02 -23.38 -11.26
C TRP B 88 13.05 -24.52 -11.13
N ASN B 89 13.12 -25.39 -12.11
CA ASN B 89 12.18 -26.48 -12.22
C ASN B 89 12.67 -27.76 -11.57
N ASN B 90 13.79 -27.72 -10.85
CA ASN B 90 14.28 -28.93 -10.21
C ASN B 90 13.95 -28.93 -8.73
N LYS B 91 12.88 -28.22 -8.31
CA LYS B 91 12.47 -28.10 -6.92
C LYS B 91 10.99 -28.35 -6.88
N THR B 92 10.44 -28.92 -5.79
CA THR B 92 8.99 -29.12 -5.60
C THR B 92 8.57 -28.45 -4.31
N PRO B 93 7.66 -27.50 -4.34
CA PRO B 93 7.15 -26.86 -5.55
C PRO B 93 8.22 -26.13 -6.36
N ASN B 94 8.03 -25.78 -7.63
CA ASN B 94 9.07 -25.05 -8.35
C ASN B 94 9.39 -23.75 -7.67
N SER B 95 10.60 -23.27 -7.87
CA SER B 95 11.20 -22.22 -7.09
C SER B 95 11.33 -20.93 -7.86
N ILE B 96 10.89 -19.81 -7.31
CA ILE B 96 10.90 -18.54 -8.01
C ILE B 96 12.29 -17.92 -8.02
N ALA B 97 12.66 -17.67 -9.26
CA ALA B 97 13.87 -16.97 -9.59
C ALA B 97 13.58 -15.50 -9.97
N ALA B 98 12.51 -15.13 -10.66
CA ALA B 98 12.32 -13.78 -11.12
C ALA B 98 10.85 -13.61 -11.46
N ILE B 99 10.27 -12.44 -11.24
CA ILE B 99 8.85 -12.17 -11.57
C ILE B 99 8.77 -10.90 -12.41
N SER B 100 7.78 -10.77 -13.29
CA SER B 100 7.56 -9.47 -13.90
C SER B 100 6.09 -9.15 -13.74
N MET B 101 5.77 -7.85 -13.71
CA MET B 101 4.40 -7.35 -13.69
C MET B 101 4.40 -6.28 -14.73
N LYS B 102 3.23 -6.08 -15.30
CA LYS B 102 3.01 -5.13 -16.36
C LYS B 102 1.63 -4.55 -16.11
N ASN B 103 1.53 -3.23 -16.33
CA ASN B 103 0.33 -2.37 -16.21
C ASN B 103 -0.19 -2.29 -14.78
N ALA C 1 25.07 21.40 -1.39
CA ALA C 1 24.79 20.10 -1.99
C ALA C 1 24.00 20.46 -3.24
N PRO C 2 23.72 19.61 -4.24
CA PRO C 2 22.86 19.93 -5.36
C PRO C 2 21.46 20.25 -4.89
N GLN C 3 20.77 20.93 -5.80
CA GLN C 3 19.41 21.32 -5.50
C GLN C 3 18.41 20.72 -6.46
N THR C 4 18.93 20.04 -7.50
CA THR C 4 18.13 19.48 -8.56
C THR C 4 18.84 18.24 -9.04
N ILE C 5 18.08 17.37 -9.69
CA ILE C 5 18.60 16.14 -10.26
C ILE C 5 19.57 16.49 -11.40
N THR C 6 19.33 17.56 -12.17
CA THR C 6 20.21 17.94 -13.26
C THR C 6 21.56 18.40 -12.74
N GLU C 7 21.61 19.10 -11.58
CA GLU C 7 22.86 19.52 -10.95
C GLU C 7 23.64 18.31 -10.50
N LEU C 8 22.98 17.47 -9.71
CA LEU C 8 23.60 16.28 -9.20
C LEU C 8 24.08 15.36 -10.33
N CYS C 9 23.31 15.18 -11.37
CA CYS C 9 23.65 14.29 -12.48
C CYS C 9 24.83 14.80 -13.27
N SER C 10 24.90 16.14 -13.45
CA SER C 10 26.01 16.74 -14.17
C SER C 10 27.31 16.67 -13.37
N GLU C 11 27.33 16.19 -12.13
CA GLU C 11 28.58 15.99 -11.41
C GLU C 11 29.29 14.64 -11.70
N TYR C 12 28.76 13.81 -12.63
CA TYR C 12 29.30 12.49 -12.88
C TYR C 12 29.69 12.27 -14.33
N ARG C 13 30.75 11.49 -14.57
CA ARG C 13 31.04 11.05 -15.93
C ARG C 13 29.97 10.00 -16.30
N ASN C 14 29.70 9.89 -17.58
CA ASN C 14 28.82 8.89 -18.17
C ASN C 14 27.40 8.91 -17.67
N THR C 15 26.89 10.08 -17.29
CA THR C 15 25.50 10.18 -16.91
C THR C 15 24.76 10.95 -17.98
N GLN C 16 23.43 10.82 -17.96
CA GLN C 16 22.59 11.50 -18.91
C GLN C 16 21.25 11.62 -18.20
N ILE C 17 20.55 12.75 -18.39
CA ILE C 17 19.21 13.00 -17.86
C ILE C 17 18.18 12.50 -18.86
N TYR C 18 17.14 11.74 -18.53
CA TYR C 18 16.08 11.46 -19.48
C TYR C 18 14.84 12.01 -18.85
N THR C 19 13.95 12.63 -19.58
CA THR C 19 12.72 13.10 -18.98
C THR C 19 11.72 12.06 -19.44
N ILE C 20 11.06 11.44 -18.50
CA ILE C 20 10.17 10.34 -18.84
C ILE C 20 8.73 10.85 -18.90
N ASN C 21 8.40 11.60 -17.83
CA ASN C 21 7.08 12.09 -17.51
C ASN C 21 6.01 11.03 -17.77
N ASP C 22 6.19 9.82 -17.20
CA ASP C 22 5.24 8.75 -17.36
C ASP C 22 5.40 7.76 -16.22
N LYS C 23 4.41 6.87 -16.11
CA LYS C 23 4.39 5.80 -15.13
C LYS C 23 5.14 4.62 -15.73
N ILE C 24 5.65 3.77 -14.83
CA ILE C 24 6.39 2.57 -15.22
C ILE C 24 5.43 1.60 -15.92
N LEU C 25 5.80 1.07 -17.08
CA LEU C 25 4.94 0.09 -17.71
C LEU C 25 5.18 -1.32 -17.14
N SER C 26 6.42 -1.78 -16.93
CA SER C 26 6.59 -3.10 -16.37
C SER C 26 7.71 -3.05 -15.40
N TYR C 27 7.64 -3.93 -14.41
CA TYR C 27 8.58 -4.04 -13.32
C TYR C 27 9.01 -5.52 -13.29
N THR C 28 10.30 -5.85 -13.32
CA THR C 28 10.88 -7.18 -13.24
C THR C 28 11.89 -7.17 -12.06
N GLU C 29 11.87 -8.17 -11.19
CA GLU C 29 12.71 -8.28 -10.01
C GLU C 29 13.28 -9.68 -10.07
N SER C 30 14.58 -9.83 -9.87
CA SER C 30 15.24 -11.09 -9.94
C SER C 30 16.01 -11.35 -8.65
N MET C 31 16.06 -12.60 -8.24
CA MET C 31 16.83 -13.05 -7.10
C MET C 31 17.80 -14.12 -7.55
N ALA C 32 18.02 -14.25 -8.87
CA ALA C 32 18.88 -15.26 -9.43
C ALA C 32 20.32 -14.85 -9.22
N GLY C 33 21.25 -15.78 -8.95
CA GLY C 33 22.64 -15.52 -8.59
C GLY C 33 23.41 -14.68 -9.58
N LYS C 34 23.91 -13.54 -9.09
CA LYS C 34 24.66 -12.51 -9.82
C LYS C 34 23.78 -11.65 -10.73
N ARG C 35 22.45 -11.81 -10.73
CA ARG C 35 21.59 -10.93 -11.45
C ARG C 35 20.51 -10.54 -10.45
N GLU C 36 20.84 -10.09 -9.25
CA GLU C 36 19.84 -9.69 -8.25
C GLU C 36 19.60 -8.22 -8.54
N MET C 37 18.57 -7.94 -9.31
CA MET C 37 18.45 -6.62 -9.94
C MET C 37 17.01 -6.28 -10.21
N VAL C 38 16.71 -5.03 -10.54
CA VAL C 38 15.38 -4.65 -10.92
C VAL C 38 15.57 -4.02 -12.29
N ILE C 39 14.60 -4.26 -13.17
CA ILE C 39 14.59 -3.79 -14.55
C ILE C 39 13.21 -3.16 -14.69
N ILE C 40 13.09 -1.93 -15.23
CA ILE C 40 11.79 -1.28 -15.46
C ILE C 40 11.76 -0.87 -16.91
N THR C 41 10.59 -0.79 -17.53
CA THR C 41 10.46 -0.29 -18.89
C THR C 41 9.33 0.71 -18.85
N PHE C 42 9.33 1.57 -19.87
CA PHE C 42 8.27 2.57 -20.07
C PHE C 42 7.63 2.33 -21.46
N LYS C 43 6.38 2.81 -21.69
CA LYS C 43 5.61 2.70 -22.95
C LYS C 43 6.38 3.14 -24.19
N SER C 44 7.20 4.17 -24.06
CA SER C 44 8.06 4.60 -25.13
C SER C 44 9.24 3.67 -25.42
N GLY C 45 9.33 2.49 -24.78
CA GLY C 45 10.33 1.49 -25.11
C GLY C 45 11.62 1.57 -24.32
N GLU C 46 11.86 2.61 -23.53
CA GLU C 46 13.08 2.64 -22.72
C GLU C 46 13.10 1.64 -21.56
N THR C 47 14.26 1.02 -21.36
CA THR C 47 14.48 0.04 -20.32
C THR C 47 15.62 0.51 -19.45
N PHE C 48 15.54 0.37 -18.12
CA PHE C 48 16.60 0.83 -17.23
C PHE C 48 16.75 -0.23 -16.19
N GLN C 49 17.93 -0.31 -15.56
CA GLN C 49 18.12 -1.26 -14.50
C GLN C 49 18.67 -0.56 -13.28
N VAL C 50 18.44 -1.15 -12.13
CA VAL C 50 19.16 -0.81 -10.95
C VAL C 50 20.23 -1.92 -10.93
N GLU C 51 21.52 -1.67 -10.96
CA GLU C 51 22.44 -2.76 -11.12
C GLU C 51 22.78 -3.49 -9.87
N VAL C 52 23.32 -4.67 -10.09
CA VAL C 52 23.77 -5.54 -9.00
C VAL C 52 24.88 -4.79 -8.18
N PRO C 53 24.91 -4.85 -6.83
CA PRO C 53 25.98 -4.30 -5.99
C PRO C 53 27.29 -4.93 -6.45
N GLY C 54 28.36 -4.14 -6.55
CA GLY C 54 29.59 -4.66 -7.06
C GLY C 54 30.73 -3.84 -6.46
N SER C 55 31.95 -4.11 -6.87
CA SER C 55 33.13 -3.45 -6.39
C SER C 55 33.19 -1.99 -6.80
N GLN C 56 32.39 -1.62 -7.80
CA GLN C 56 32.28 -0.23 -8.19
C GLN C 56 31.41 0.53 -7.20
N HIS C 57 30.79 -0.09 -6.18
CA HIS C 57 29.89 0.59 -5.25
C HIS C 57 30.58 0.81 -3.92
N ILE C 58 30.55 2.03 -3.40
CA ILE C 58 31.22 2.24 -2.12
C ILE C 58 30.32 1.80 -1.00
N ASP C 59 30.68 1.67 0.26
CA ASP C 59 29.72 1.22 1.24
C ASP C 59 28.46 2.06 1.43
N SER C 60 28.48 3.39 1.30
CA SER C 60 27.32 4.24 1.45
C SER C 60 26.31 4.03 0.36
N GLN C 61 26.71 3.48 -0.77
CA GLN C 61 25.76 3.17 -1.82
C GLN C 61 25.05 1.85 -1.59
N LYS C 62 25.53 0.96 -0.74
CA LYS C 62 24.91 -0.34 -0.63
C LYS C 62 23.50 -0.22 -0.11
N LYS C 63 23.25 0.56 0.95
CA LYS C 63 21.89 0.75 1.39
C LYS C 63 21.10 1.65 0.41
N ALA C 64 21.74 2.55 -0.34
CA ALA C 64 21.04 3.38 -1.32
C ALA C 64 20.51 2.55 -2.54
N ILE C 65 21.18 1.47 -3.00
CA ILE C 65 20.71 0.57 -4.07
C ILE C 65 19.39 -0.07 -3.64
N GLU C 66 19.33 -0.51 -2.37
CA GLU C 66 18.12 -1.10 -1.81
C GLU C 66 16.97 -0.11 -1.68
N ARG C 67 17.19 1.13 -1.24
CA ARG C 67 16.14 2.16 -1.22
C ARG C 67 15.63 2.45 -2.64
N MET C 68 16.48 2.44 -3.66
CA MET C 68 16.06 2.71 -5.03
C MET C 68 15.15 1.59 -5.53
N LYS C 69 15.47 0.35 -5.20
CA LYS C 69 14.54 -0.73 -5.58
C LYS C 69 13.20 -0.64 -4.85
N ASP C 70 13.16 -0.28 -3.54
CA ASP C 70 11.92 -0.04 -2.80
C ASP C 70 11.11 1.11 -3.44
N THR C 71 11.77 2.17 -3.90
CA THR C 71 11.10 3.27 -4.56
C THR C 71 10.50 2.82 -5.84
N LEU C 72 11.21 2.12 -6.72
CA LEU C 72 10.64 1.66 -7.98
C LEU C 72 9.48 0.71 -7.80
N ARG C 73 9.58 -0.25 -6.88
CA ARG C 73 8.45 -1.09 -6.63
C ARG C 73 7.25 -0.29 -6.16
N ILE C 74 7.37 0.65 -5.23
CA ILE C 74 6.17 1.32 -4.76
C ILE C 74 5.65 2.29 -5.83
N THR C 75 6.48 2.96 -6.65
CA THR C 75 5.90 3.85 -7.63
C THR C 75 5.38 3.02 -8.79
N TYR C 76 5.86 1.81 -9.06
CA TYR C 76 5.19 0.97 -10.05
C TYR C 76 3.79 0.64 -9.54
N LEU C 77 3.59 0.21 -8.30
CA LEU C 77 2.26 -0.16 -7.83
C LEU C 77 1.27 0.99 -7.70
N THR C 78 1.79 2.19 -7.37
CA THR C 78 0.88 3.29 -7.28
C THR C 78 0.71 3.99 -8.61
N GLU C 79 1.31 3.56 -9.71
CA GLU C 79 1.20 4.17 -11.02
C GLU C 79 1.60 5.63 -10.90
N THR C 80 2.65 5.91 -10.12
CA THR C 80 3.12 7.29 -9.96
C THR C 80 4.04 7.61 -11.12
N LYS C 81 3.82 8.77 -11.77
CA LYS C 81 4.63 9.24 -12.85
C LYS C 81 5.98 9.67 -12.32
N ILE C 82 6.98 9.30 -13.08
CA ILE C 82 8.39 9.57 -12.84
C ILE C 82 8.58 10.79 -13.75
N ASP C 83 9.21 11.82 -13.24
CA ASP C 83 9.53 13.00 -14.02
C ASP C 83 10.85 12.84 -14.77
N LYS C 84 11.98 12.61 -14.13
CA LYS C 84 13.27 12.49 -14.76
C LYS C 84 14.07 11.33 -14.20
N LEU C 85 15.01 10.81 -14.99
CA LEU C 85 15.95 9.85 -14.46
C LEU C 85 17.35 10.33 -14.77
N CYS C 86 18.32 10.15 -13.87
CA CYS C 86 19.71 10.43 -14.17
C CYS C 86 20.27 9.04 -14.32
N VAL C 87 20.88 8.67 -15.43
CA VAL C 87 21.34 7.30 -15.62
C VAL C 87 22.81 7.28 -16.06
N TRP C 88 23.58 6.25 -15.69
CA TRP C 88 24.90 6.02 -16.25
C TRP C 88 24.63 5.28 -17.57
N ASN C 89 25.21 5.77 -18.65
CA ASN C 89 25.01 5.25 -19.99
C ASN C 89 26.14 4.40 -20.53
N ASN C 90 26.97 3.99 -19.62
CA ASN C 90 28.02 3.10 -20.01
C ASN C 90 27.62 1.69 -19.58
N LYS C 91 26.32 1.44 -19.43
CA LYS C 91 25.80 0.17 -18.95
C LYS C 91 24.63 -0.07 -19.89
N THR C 92 24.32 -1.34 -20.17
CA THR C 92 23.14 -1.74 -20.95
C THR C 92 22.27 -2.76 -20.18
N PRO C 93 20.99 -2.54 -19.89
CA PRO C 93 20.30 -1.26 -19.98
C PRO C 93 20.93 -0.17 -19.13
N ASN C 94 20.69 1.11 -19.40
CA ASN C 94 21.22 2.22 -18.61
C ASN C 94 20.86 2.02 -17.17
N SER C 95 21.80 2.38 -16.33
CA SER C 95 21.72 2.13 -14.93
C SER C 95 21.22 3.37 -14.21
N ILE C 96 20.20 3.32 -13.35
CA ILE C 96 19.64 4.49 -12.66
C ILE C 96 20.52 4.99 -11.53
N ALA C 97 20.85 6.27 -11.61
CA ALA C 97 21.68 6.96 -10.61
C ALA C 97 20.82 7.78 -9.68
N ALA C 98 19.72 8.36 -10.16
CA ALA C 98 18.80 9.18 -9.39
C ALA C 98 17.46 9.25 -10.11
N ILE C 99 16.40 9.60 -9.38
CA ILE C 99 15.06 9.64 -9.93
C ILE C 99 14.42 10.88 -9.33
N SER C 100 13.53 11.55 -10.06
CA SER C 100 12.73 12.60 -9.45
C SER C 100 11.29 12.48 -9.91
N MET C 101 10.38 12.86 -9.04
CA MET C 101 8.99 12.87 -9.39
C MET C 101 8.34 14.11 -8.80
N LYS C 102 7.31 14.60 -9.47
CA LYS C 102 6.60 15.80 -9.05
C LYS C 102 5.18 15.69 -9.53
N ASN C 103 4.34 16.52 -8.93
CA ASN C 103 2.99 16.56 -9.43
C ASN C 103 2.68 18.06 -9.48
N ALA D 1 11.54 13.54 26.08
CA ALA D 1 11.77 14.81 26.74
C ALA D 1 11.32 16.11 26.12
N PRO D 2 11.58 16.69 24.93
CA PRO D 2 10.82 17.76 24.34
C PRO D 2 9.36 17.45 24.21
N GLN D 3 8.50 18.46 24.31
CA GLN D 3 7.08 18.28 24.02
C GLN D 3 6.75 18.61 22.57
N THR D 4 7.49 19.47 21.86
CA THR D 4 7.04 19.87 20.53
C THR D 4 8.27 20.01 19.67
N ILE D 5 8.10 20.15 18.36
CA ILE D 5 9.19 20.38 17.45
C ILE D 5 9.90 21.70 17.74
N THR D 6 9.21 22.75 18.20
CA THR D 6 9.87 24.03 18.47
C THR D 6 10.65 23.92 19.73
N GLU D 7 10.20 23.18 20.74
CA GLU D 7 11.05 22.97 21.90
C GLU D 7 12.30 22.16 21.52
N LEU D 8 12.11 21.14 20.66
CA LEU D 8 13.21 20.34 20.22
C LEU D 8 14.17 21.19 19.40
N CYS D 9 13.70 21.98 18.45
CA CYS D 9 14.56 22.73 17.57
C CYS D 9 15.39 23.75 18.32
N SER D 10 14.85 24.31 19.44
CA SER D 10 15.52 25.16 20.45
C SER D 10 16.78 24.58 21.06
N GLU D 11 16.94 23.26 21.13
CA GLU D 11 18.10 22.72 21.81
C GLU D 11 19.33 22.74 20.94
N TYR D 12 19.23 23.04 19.65
CA TYR D 12 20.38 22.95 18.75
C TYR D 12 20.83 24.29 18.24
N ARG D 13 22.12 24.42 17.96
CA ARG D 13 22.57 25.65 17.34
C ARG D 13 22.32 25.54 15.84
N ASN D 14 22.12 26.71 15.24
CA ASN D 14 21.96 26.90 13.81
C ASN D 14 20.74 26.30 13.19
N THR D 15 19.68 26.27 13.95
CA THR D 15 18.43 25.74 13.46
C THR D 15 17.45 26.87 13.30
N GLN D 16 16.40 26.56 12.59
CA GLN D 16 15.27 27.43 12.29
C GLN D 16 14.03 26.55 12.14
N ILE D 17 12.81 27.05 12.38
CA ILE D 17 11.58 26.31 12.20
C ILE D 17 11.05 26.95 10.94
N TYR D 18 10.63 26.19 9.94
CA TYR D 18 9.96 26.69 8.77
C TYR D 18 8.55 26.17 8.96
N THR D 19 7.52 26.97 8.75
CA THR D 19 6.13 26.53 8.77
C THR D 19 5.81 26.46 7.30
N ILE D 20 5.55 25.26 6.86
CA ILE D 20 5.33 24.97 5.47
C ILE D 20 3.84 24.96 5.21
N ASN D 21 3.12 24.13 5.97
CA ASN D 21 1.69 23.87 5.80
C ASN D 21 1.30 23.59 4.36
N ASP D 22 2.07 22.71 3.71
CA ASP D 22 1.76 22.26 2.38
C ASP D 22 2.39 20.88 2.15
N LYS D 23 1.96 20.23 1.10
CA LYS D 23 2.46 18.92 0.75
C LYS D 23 3.69 19.12 -0.12
N ILE D 24 4.55 18.13 -0.26
CA ILE D 24 5.75 18.21 -1.06
C ILE D 24 5.40 18.36 -2.53
N LEU D 25 6.06 19.27 -3.24
CA LEU D 25 5.91 19.40 -4.70
C LEU D 25 6.76 18.38 -5.43
N SER D 26 8.06 18.27 -5.14
CA SER D 26 8.90 17.27 -5.79
C SER D 26 9.82 16.53 -4.81
N TYR D 27 10.21 15.32 -5.20
CA TYR D 27 11.03 14.42 -4.41
C TYR D 27 12.10 13.95 -5.37
N THR D 28 13.39 14.03 -5.04
CA THR D 28 14.50 13.52 -5.85
C THR D 28 15.24 12.61 -4.92
N GLU D 29 15.64 11.45 -5.42
CA GLU D 29 16.36 10.51 -4.58
C GLU D 29 17.62 10.13 -5.35
N SER D 30 18.79 10.13 -4.76
CA SER D 30 20.02 9.82 -5.48
C SER D 30 20.76 8.64 -4.90
N MET D 31 21.28 7.73 -5.70
CA MET D 31 22.14 6.68 -5.15
C MET D 31 23.56 6.84 -5.67
N ALA D 32 23.91 8.03 -6.22
CA ALA D 32 25.25 8.29 -6.74
C ALA D 32 26.22 8.41 -5.59
N GLY D 33 27.41 7.86 -5.77
CA GLY D 33 28.43 7.80 -4.74
C GLY D 33 28.80 9.20 -4.29
N LYS D 34 28.70 9.33 -2.96
CA LYS D 34 28.94 10.52 -2.13
C LYS D 34 27.84 11.55 -2.19
N ARG D 35 26.77 11.19 -2.91
CA ARG D 35 25.60 12.01 -3.17
C ARG D 35 24.37 11.16 -2.83
N GLU D 36 24.41 10.31 -1.81
CA GLU D 36 23.31 9.45 -1.46
C GLU D 36 22.36 10.28 -0.59
N MET D 37 21.39 10.98 -1.18
CA MET D 37 20.58 11.95 -0.47
C MET D 37 19.21 11.96 -1.04
N VAL D 38 18.31 12.69 -0.39
CA VAL D 38 16.94 12.92 -0.82
C VAL D 38 16.81 14.44 -0.85
N ILE D 39 16.18 15.04 -1.86
CA ILE D 39 16.00 16.48 -1.90
C ILE D 39 14.50 16.71 -2.04
N ILE D 40 13.83 17.50 -1.22
CA ILE D 40 12.42 17.75 -1.47
C ILE D 40 12.18 19.23 -1.78
N THR D 41 11.20 19.61 -2.63
CA THR D 41 10.85 21.03 -2.73
C THR D 41 9.36 21.29 -2.50
N PHE D 42 9.03 22.57 -2.27
CA PHE D 42 7.68 23.01 -2.04
C PHE D 42 7.29 23.98 -3.12
N LYS D 43 6.00 24.15 -3.34
CA LYS D 43 5.43 25.13 -4.26
C LYS D 43 5.94 26.52 -3.94
N SER D 44 6.05 26.92 -2.70
CA SER D 44 6.61 28.20 -2.36
C SER D 44 8.07 28.40 -2.79
N GLY D 45 8.78 27.43 -3.35
CA GLY D 45 10.15 27.63 -3.79
C GLY D 45 11.21 27.10 -2.84
N GLU D 46 10.93 26.80 -1.55
CA GLU D 46 11.95 26.27 -0.65
C GLU D 46 12.36 24.84 -1.03
N THR D 47 13.65 24.57 -0.87
CA THR D 47 14.29 23.31 -1.14
C THR D 47 15.02 22.87 0.11
N PHE D 48 14.82 21.61 0.49
CA PHE D 48 15.49 21.05 1.66
C PHE D 48 16.15 19.73 1.27
N GLN D 49 17.15 19.29 2.03
CA GLN D 49 17.81 18.03 1.80
C GLN D 49 17.86 17.17 3.07
N VAL D 50 18.01 15.85 2.98
CA VAL D 50 18.38 15.06 4.16
C VAL D 50 19.86 14.83 3.76
N GLU D 51 20.83 15.24 4.56
CA GLU D 51 22.22 15.12 4.16
C GLU D 51 22.72 13.70 4.09
N VAL D 52 23.77 13.57 3.29
CA VAL D 52 24.54 12.33 3.16
C VAL D 52 25.12 12.02 4.57
N PRO D 53 25.14 10.80 5.16
CA PRO D 53 25.79 10.50 6.44
C PRO D 53 27.25 10.85 6.34
N GLY D 54 27.74 11.81 7.10
CA GLY D 54 29.16 12.09 7.15
C GLY D 54 29.69 12.00 8.57
N SER D 55 30.78 12.74 8.78
CA SER D 55 31.49 12.77 10.05
C SER D 55 30.72 13.46 11.20
N GLN D 56 29.90 14.46 10.84
CA GLN D 56 29.12 15.23 11.78
C GLN D 56 28.00 14.42 12.42
N HIS D 57 27.66 13.24 11.89
CA HIS D 57 26.54 12.53 12.44
C HIS D 57 27.07 11.57 13.44
N ILE D 58 26.49 11.44 14.62
CA ILE D 58 26.92 10.38 15.52
C ILE D 58 26.18 9.11 15.12
N ASP D 59 26.55 8.02 15.77
CA ASP D 59 26.03 6.77 15.28
C ASP D 59 24.57 6.49 15.47
N SER D 60 23.95 7.11 16.48
CA SER D 60 22.51 6.98 16.71
C SER D 60 21.67 7.57 15.58
N GLN D 61 22.29 8.53 14.89
CA GLN D 61 21.67 9.20 13.81
C GLN D 61 21.64 8.40 12.54
N LYS D 62 22.51 7.40 12.41
CA LYS D 62 22.55 6.61 11.18
C LYS D 62 21.21 5.96 10.85
N LYS D 63 20.52 5.38 11.82
CA LYS D 63 19.20 4.82 11.55
C LYS D 63 18.19 5.91 11.32
N ALA D 64 18.33 7.00 12.08
CA ALA D 64 17.39 8.10 11.98
C ALA D 64 17.37 8.76 10.60
N ILE D 65 18.55 8.80 9.94
CA ILE D 65 18.70 9.39 8.62
C ILE D 65 17.92 8.55 7.62
N GLU D 66 17.96 7.23 7.75
CA GLU D 66 17.25 6.37 6.83
C GLU D 66 15.74 6.45 7.05
N ARG D 67 15.30 6.54 8.30
CA ARG D 67 13.89 6.66 8.58
C ARG D 67 13.34 7.95 8.00
N MET D 68 14.08 9.05 8.13
CA MET D 68 13.63 10.36 7.63
C MET D 68 13.46 10.32 6.13
N LYS D 69 14.40 9.78 5.39
CA LYS D 69 14.25 9.61 3.95
C LYS D 69 13.00 8.69 3.72
N ASP D 70 12.70 7.69 4.57
CA ASP D 70 11.50 6.88 4.37
C ASP D 70 10.27 7.72 4.59
N THR D 71 10.28 8.59 5.60
CA THR D 71 9.11 9.39 5.88
C THR D 71 8.83 10.32 4.73
N LEU D 72 9.87 10.88 4.14
CA LEU D 72 9.67 11.83 3.05
C LEU D 72 9.20 11.22 1.76
N ARG D 73 9.62 9.99 1.40
CA ARG D 73 9.07 9.28 0.24
C ARG D 73 7.57 9.00 0.45
N ILE D 74 7.11 8.46 1.59
CA ILE D 74 5.72 8.13 1.77
C ILE D 74 4.86 9.39 2.03
N THR D 75 5.33 10.47 2.66
CA THR D 75 4.63 11.72 2.78
C THR D 75 4.39 12.25 1.38
N TYR D 76 5.36 12.23 0.47
CA TYR D 76 5.14 12.66 -0.91
C TYR D 76 4.06 11.84 -1.59
N LEU D 77 4.20 10.52 -1.56
CA LEU D 77 3.26 9.66 -2.24
C LEU D 77 1.84 9.69 -1.68
N THR D 78 1.60 9.94 -0.37
CA THR D 78 0.25 10.03 0.18
C THR D 78 -0.32 11.46 0.07
N GLU D 79 0.53 12.39 -0.42
CA GLU D 79 0.25 13.80 -0.58
C GLU D 79 -0.13 14.36 0.79
N THR D 80 0.61 13.96 1.81
CA THR D 80 0.32 14.43 3.13
C THR D 80 0.94 15.81 3.36
N LYS D 81 0.22 16.66 4.10
CA LYS D 81 0.71 17.97 4.43
C LYS D 81 1.65 17.95 5.60
N ILE D 82 2.71 18.68 5.34
CA ILE D 82 3.71 18.93 6.35
C ILE D 82 3.39 20.25 7.10
N ASP D 83 3.47 20.22 8.41
CA ASP D 83 3.23 21.41 9.21
C ASP D 83 4.50 22.24 9.30
N LYS D 84 5.49 21.83 10.10
CA LYS D 84 6.74 22.54 10.32
C LYS D 84 7.96 21.72 9.98
N LEU D 85 9.15 22.27 9.71
CA LEU D 85 10.40 21.54 9.53
C LEU D 85 11.36 22.24 10.46
N CYS D 86 12.16 21.53 11.21
CA CYS D 86 13.21 22.16 11.98
C CYS D 86 14.40 21.88 11.08
N VAL D 87 15.16 22.90 10.68
CA VAL D 87 16.29 22.74 9.77
C VAL D 87 17.59 23.38 10.25
N TRP D 88 18.75 22.83 9.88
CA TRP D 88 20.03 23.45 10.05
C TRP D 88 20.23 24.42 8.89
N ASN D 89 20.36 25.70 9.17
CA ASN D 89 20.46 26.74 8.14
C ASN D 89 21.88 27.08 7.71
N ASN D 90 22.82 26.30 8.26
CA ASN D 90 24.22 26.37 7.92
C ASN D 90 24.61 25.39 6.80
N LYS D 91 23.70 24.95 5.92
CA LYS D 91 23.97 23.95 4.90
C LYS D 91 23.15 24.40 3.70
N THR D 92 23.54 24.18 2.45
CA THR D 92 22.69 24.56 1.33
C THR D 92 22.42 23.35 0.43
N PRO D 93 21.18 22.99 0.08
CA PRO D 93 19.96 23.48 0.74
C PRO D 93 19.96 23.25 2.27
N ASN D 94 19.15 23.96 3.05
CA ASN D 94 19.05 23.73 4.49
C ASN D 94 18.80 22.27 4.79
N SER D 95 19.24 21.79 5.94
CA SER D 95 19.24 20.37 6.22
C SER D 95 18.17 20.01 7.25
N ILE D 96 17.29 19.02 6.98
CA ILE D 96 16.20 18.67 7.89
C ILE D 96 16.69 17.91 9.12
N ALA D 97 16.32 18.43 10.26
CA ALA D 97 16.58 17.84 11.55
C ALA D 97 15.29 17.22 12.05
N ALA D 98 14.07 17.76 11.79
CA ALA D 98 12.81 17.20 12.29
C ALA D 98 11.63 17.71 11.46
N ILE D 99 10.52 16.98 11.48
CA ILE D 99 9.34 17.29 10.67
C ILE D 99 8.18 17.10 11.65
N SER D 100 7.09 17.80 11.35
CA SER D 100 5.87 17.83 12.11
C SER D 100 4.76 17.62 11.12
N MET D 101 3.79 16.73 11.29
CA MET D 101 2.63 16.74 10.41
C MET D 101 1.42 16.86 11.30
N LYS D 102 0.35 17.48 10.82
CA LYS D 102 -0.82 17.64 11.64
C LYS D 102 -2.13 17.55 10.89
N ASN D 103 -2.92 16.71 11.60
CA ASN D 103 -4.30 16.29 11.46
C ASN D 103 -4.65 14.84 11.11
N ALA E 1 1.64 -16.08 28.13
CA ALA E 1 2.00 -14.73 27.76
C ALA E 1 0.73 -13.95 28.05
N PRO E 2 0.76 -12.64 28.25
CA PRO E 2 -0.44 -11.82 28.33
C PRO E 2 -1.35 -11.95 27.11
N GLN E 3 -2.65 -11.87 27.33
CA GLN E 3 -3.57 -11.96 26.22
C GLN E 3 -4.09 -10.59 25.87
N THR E 4 -3.95 -9.51 26.62
CA THR E 4 -4.51 -8.22 26.21
C THR E 4 -3.48 -7.18 26.58
N ILE E 5 -3.66 -5.95 26.10
CA ILE E 5 -2.77 -4.85 26.48
C ILE E 5 -2.93 -4.53 27.97
N THR E 6 -4.08 -4.68 28.58
CA THR E 6 -4.25 -4.34 29.99
C THR E 6 -3.43 -5.26 30.83
N GLU E 7 -3.49 -6.55 30.48
CA GLU E 7 -2.74 -7.59 31.18
C GLU E 7 -1.25 -7.42 30.98
N LEU E 8 -0.76 -7.14 29.80
CA LEU E 8 0.66 -6.92 29.62
C LEU E 8 1.12 -5.68 30.40
N CYS E 9 0.33 -4.61 30.42
CA CYS E 9 0.75 -3.34 30.99
C CYS E 9 1.02 -3.49 32.48
N SER E 10 0.24 -4.39 33.06
CA SER E 10 0.22 -4.64 34.49
C SER E 10 1.39 -5.39 35.04
N GLU E 11 2.16 -5.99 34.17
CA GLU E 11 3.32 -6.69 34.66
C GLU E 11 4.44 -5.70 34.89
N TYR E 12 4.30 -4.42 34.54
CA TYR E 12 5.38 -3.44 34.67
C TYR E 12 5.00 -2.41 35.69
N ARG E 13 6.06 -1.97 36.34
CA ARG E 13 5.95 -0.88 37.27
C ARG E 13 5.97 0.41 36.45
N ASN E 14 5.33 1.43 37.01
CA ASN E 14 5.22 2.77 36.47
C ASN E 14 4.56 2.82 35.11
N THR E 15 3.60 1.94 34.87
CA THR E 15 2.80 1.96 33.64
C THR E 15 1.36 2.37 33.92
N GLN E 16 0.61 2.71 32.88
CA GLN E 16 -0.79 3.12 33.01
C GLN E 16 -1.46 2.94 31.66
N ILE E 17 -2.76 2.60 31.59
CA ILE E 17 -3.45 2.41 30.33
C ILE E 17 -4.18 3.73 30.03
N TYR E 18 -4.27 4.13 28.77
CA TYR E 18 -5.00 5.32 28.35
C TYR E 18 -5.85 4.77 27.28
N THR E 19 -7.12 4.96 27.47
CA THR E 19 -8.02 4.52 26.45
C THR E 19 -8.11 5.75 25.58
N ILE E 20 -7.68 5.65 24.34
CA ILE E 20 -7.64 6.77 23.43
C ILE E 20 -8.91 6.80 22.59
N ASN E 21 -9.08 5.70 21.87
CA ASN E 21 -10.14 5.54 20.93
C ASN E 21 -10.24 6.72 19.97
N ASP E 22 -9.15 6.97 19.26
CA ASP E 22 -9.08 8.10 18.33
C ASP E 22 -7.85 8.01 17.44
N LYS E 23 -7.83 8.79 16.36
CA LYS E 23 -6.65 8.92 15.53
C LYS E 23 -5.70 9.94 16.13
N ILE E 24 -4.44 9.80 15.74
CA ILE E 24 -3.40 10.69 16.16
C ILE E 24 -3.63 12.07 15.55
N LEU E 25 -3.50 13.12 16.34
CA LEU E 25 -3.65 14.46 15.81
C LEU E 25 -2.33 14.91 15.18
N SER E 26 -1.16 14.68 15.77
CA SER E 26 0.07 15.12 15.11
C SER E 26 1.16 14.11 15.37
N TYR E 27 2.06 14.04 14.39
CA TYR E 27 3.24 13.19 14.40
C TYR E 27 4.51 14.07 14.28
N THR E 28 5.48 13.89 15.14
CA THR E 28 6.70 14.64 15.02
C THR E 28 7.80 13.59 15.02
N GLU E 29 8.74 13.69 14.10
CA GLU E 29 9.87 12.78 14.04
C GLU E 29 11.15 13.61 14.02
N SER E 30 12.14 13.28 14.82
CA SER E 30 13.41 13.96 14.80
C SER E 30 14.60 13.04 14.50
N MET E 31 15.60 13.46 13.73
CA MET E 31 16.84 12.74 13.61
C MET E 31 17.94 13.61 14.19
N ALA E 32 17.63 14.64 14.97
CA ALA E 32 18.64 15.48 15.60
C ALA E 32 19.41 14.58 16.57
N GLY E 33 20.71 14.81 16.75
CA GLY E 33 21.59 13.94 17.53
C GLY E 33 21.20 13.95 19.00
N LYS E 34 21.02 12.75 19.58
CA LYS E 34 20.50 12.52 20.92
C LYS E 34 18.98 12.77 20.98
N ARG E 35 18.29 13.17 19.90
CA ARG E 35 16.83 13.35 19.90
C ARG E 35 16.22 12.57 18.76
N GLU E 36 16.75 11.38 18.50
CA GLU E 36 16.21 10.48 17.47
C GLU E 36 14.95 9.84 18.06
N MET E 37 13.79 10.39 17.74
CA MET E 37 12.59 9.99 18.45
C MET E 37 11.35 10.45 17.69
N VAL E 38 10.21 9.99 18.20
CA VAL E 38 8.91 10.35 17.64
C VAL E 38 8.06 10.84 18.81
N ILE E 39 7.15 11.80 18.57
CA ILE E 39 6.21 12.38 19.53
C ILE E 39 4.88 12.44 18.77
N ILE E 40 3.87 11.95 19.45
CA ILE E 40 2.53 11.98 18.90
C ILE E 40 1.64 12.72 19.89
N THR E 41 0.56 13.31 19.43
CA THR E 41 -0.35 14.16 20.19
C THR E 41 -1.77 13.79 19.76
N PHE E 42 -2.72 13.88 20.65
CA PHE E 42 -4.10 13.58 20.33
C PHE E 42 -4.93 14.80 20.61
N LYS E 43 -6.16 14.85 20.14
CA LYS E 43 -7.14 15.93 20.34
C LYS E 43 -7.34 16.30 21.80
N SER E 44 -7.43 15.30 22.63
CA SER E 44 -7.61 15.44 24.04
C SER E 44 -6.45 16.13 24.72
N GLY E 45 -5.34 16.48 24.07
CA GLY E 45 -4.24 17.17 24.74
C GLY E 45 -3.07 16.34 25.22
N GLU E 46 -3.23 15.02 25.21
CA GLU E 46 -2.19 14.08 25.61
C GLU E 46 -1.05 14.00 24.60
N THR E 47 0.19 13.86 25.10
CA THR E 47 1.36 13.86 24.24
C THR E 47 2.11 12.66 24.73
N PHE E 48 2.66 11.87 23.81
CA PHE E 48 3.45 10.72 24.20
C PHE E 48 4.66 10.65 23.30
N GLN E 49 5.72 9.98 23.77
CA GLN E 49 6.93 9.82 22.99
C GLN E 49 7.32 8.33 22.86
N VAL E 50 8.07 8.00 21.82
CA VAL E 50 8.81 6.74 21.79
C VAL E 50 10.19 7.22 22.22
N GLU E 51 10.80 6.69 23.27
CA GLU E 51 12.07 7.22 23.77
C GLU E 51 13.27 7.02 22.88
N VAL E 52 14.33 7.83 23.05
CA VAL E 52 15.57 7.65 22.31
C VAL E 52 16.12 6.33 22.84
N PRO E 53 16.70 5.36 22.10
CA PRO E 53 17.37 4.17 22.67
C PRO E 53 18.44 4.59 23.68
N GLY E 54 18.53 3.89 24.81
CA GLY E 54 19.50 4.25 25.83
C GLY E 54 19.76 3.04 26.73
N SER E 55 20.48 3.27 27.81
CA SER E 55 20.80 2.29 28.85
C SER E 55 19.62 1.53 29.45
N GLN E 56 18.39 2.10 29.41
CA GLN E 56 17.22 1.47 30.01
C GLN E 56 16.67 0.32 29.18
N HIS E 57 17.18 0.26 27.95
CA HIS E 57 16.66 -0.65 26.98
C HIS E 57 17.61 -1.84 26.89
N ILE E 58 17.01 -3.02 27.11
CA ILE E 58 17.77 -4.21 26.95
C ILE E 58 17.77 -4.43 25.44
N ASP E 59 18.73 -5.19 24.95
CA ASP E 59 18.96 -5.31 23.53
C ASP E 59 17.80 -5.92 22.78
N SER E 60 16.95 -6.79 23.34
CA SER E 60 15.76 -7.19 22.62
C SER E 60 14.79 -6.02 22.30
N GLN E 61 14.88 -4.88 23.01
CA GLN E 61 13.98 -3.77 22.78
C GLN E 61 14.30 -2.95 21.57
N LYS E 62 15.56 -2.91 21.13
CA LYS E 62 15.97 -2.11 20.00
C LYS E 62 15.24 -2.34 18.70
N LYS E 63 15.02 -3.57 18.21
CA LYS E 63 14.24 -3.78 17.00
C LYS E 63 12.82 -3.39 17.32
N ALA E 64 12.33 -3.60 18.50
CA ALA E 64 10.95 -3.29 18.82
C ALA E 64 10.67 -1.81 18.84
N ILE E 65 11.63 -0.97 19.24
CA ILE E 65 11.54 0.51 19.23
C ILE E 65 11.44 0.94 17.76
N GLU E 66 12.20 0.34 16.86
CA GLU E 66 12.06 0.77 15.48
C GLU E 66 10.71 0.37 14.90
N ARG E 67 10.14 -0.76 15.32
CA ARG E 67 8.86 -1.22 14.80
C ARG E 67 7.73 -0.28 15.23
N MET E 68 7.77 0.11 16.52
CA MET E 68 6.77 0.97 17.09
C MET E 68 6.78 2.29 16.34
N LYS E 69 7.93 2.80 15.91
CA LYS E 69 7.90 4.08 15.19
C LYS E 69 7.41 3.89 13.79
N ASP E 70 7.62 2.71 13.17
CA ASP E 70 7.08 2.43 11.85
C ASP E 70 5.59 2.35 11.98
N THR E 71 5.02 1.68 12.99
CA THR E 71 3.59 1.54 13.21
C THR E 71 2.93 2.88 13.42
N LEU E 72 3.51 3.77 14.25
CA LEU E 72 2.95 5.09 14.50
C LEU E 72 2.94 5.95 13.25
N ARG E 73 3.98 5.90 12.40
CA ARG E 73 3.99 6.66 11.16
C ARG E 73 2.85 6.24 10.25
N ILE E 74 2.67 4.92 10.03
CA ILE E 74 1.55 4.39 9.23
C ILE E 74 0.21 4.78 9.85
N THR E 75 0.03 4.64 11.16
CA THR E 75 -1.21 4.95 11.84
C THR E 75 -1.53 6.41 11.67
N TYR E 76 -0.54 7.31 11.78
CA TYR E 76 -0.77 8.71 11.60
C TYR E 76 -1.17 8.92 10.15
N LEU E 77 -0.42 8.41 9.20
CA LEU E 77 -0.68 8.81 7.82
C LEU E 77 -2.03 8.40 7.28
N THR E 78 -2.52 7.26 7.77
CA THR E 78 -3.76 6.71 7.29
C THR E 78 -4.88 7.05 8.25
N GLU E 79 -4.71 7.85 9.31
CA GLU E 79 -5.78 8.13 10.27
C GLU E 79 -6.44 6.90 10.91
N THR E 80 -5.64 5.88 11.21
CA THR E 80 -6.12 4.66 11.83
C THR E 80 -6.39 4.98 13.32
N LYS E 81 -7.51 4.49 13.82
CA LYS E 81 -7.92 4.73 15.18
C LYS E 81 -7.10 3.89 16.16
N ILE E 82 -6.54 4.45 17.22
CA ILE E 82 -5.82 3.71 18.24
C ILE E 82 -6.78 3.49 19.36
N ASP E 83 -6.75 2.32 19.97
CA ASP E 83 -7.66 2.04 21.03
C ASP E 83 -7.03 2.35 22.36
N LYS E 84 -6.00 1.68 22.81
CA LYS E 84 -5.43 1.94 24.10
C LYS E 84 -3.94 2.08 23.96
N LEU E 85 -3.28 2.81 24.85
CA LEU E 85 -1.84 2.88 24.94
C LEU E 85 -1.45 2.41 26.36
N CYS E 86 -0.36 1.65 26.54
CA CYS E 86 0.24 1.28 27.83
C CYS E 86 1.46 2.19 27.86
N VAL E 87 1.67 3.07 28.86
CA VAL E 87 2.78 3.99 28.84
C VAL E 87 3.46 3.98 30.20
N TRP E 88 4.75 4.25 30.20
CA TRP E 88 5.50 4.46 31.42
C TRP E 88 5.26 5.90 31.80
N ASN E 89 4.85 6.15 33.03
CA ASN E 89 4.45 7.49 33.44
C ASN E 89 5.51 8.25 34.23
N ASN E 90 6.75 7.76 34.22
CA ASN E 90 7.86 8.38 34.91
C ASN E 90 8.80 8.99 33.89
N LYS E 91 8.20 9.45 32.80
CA LYS E 91 8.88 10.06 31.69
C LYS E 91 7.94 11.19 31.25
N THR E 92 8.55 12.29 30.76
CA THR E 92 7.86 13.40 30.16
C THR E 92 8.32 13.55 28.72
N PRO E 93 7.49 13.60 27.66
CA PRO E 93 6.16 13.03 27.61
C PRO E 93 6.16 11.56 28.06
N ASN E 94 5.09 10.96 28.53
CA ASN E 94 5.05 9.54 28.91
C ASN E 94 5.51 8.63 27.75
N SER E 95 6.23 7.50 27.99
CA SER E 95 6.72 6.68 26.89
C SER E 95 5.74 5.57 26.60
N ILE E 96 5.48 5.40 25.32
CA ILE E 96 4.69 4.28 24.83
C ILE E 96 5.42 2.95 25.07
N ALA E 97 4.81 2.06 25.85
CA ALA E 97 5.24 0.69 26.04
C ALA E 97 4.51 -0.24 25.01
N ALA E 98 3.22 -0.06 24.73
CA ALA E 98 2.50 -0.94 23.83
C ALA E 98 1.31 -0.18 23.28
N ILE E 99 0.79 -0.64 22.14
CA ILE E 99 -0.32 0.00 21.48
C ILE E 99 -1.34 -1.07 21.05
N SER E 100 -2.64 -0.81 21.05
CA SER E 100 -3.63 -1.73 20.54
C SER E 100 -4.50 -0.91 19.62
N MET E 101 -4.96 -1.55 18.54
CA MET E 101 -5.88 -1.03 17.53
C MET E 101 -7.04 -2.00 17.42
N LYS E 102 -8.25 -1.50 17.23
CA LYS E 102 -9.43 -2.33 17.12
C LYS E 102 -10.25 -1.85 15.92
N ASN E 103 -10.65 -2.90 15.18
CA ASN E 103 -11.39 -3.04 13.91
C ASN E 103 -10.65 -2.73 12.62
N ASN F 1 -15.71 15.69 -21.79
CA ASN F 1 -16.61 16.35 -20.86
C ASN F 1 -15.73 16.72 -19.68
N GLY F 2 -16.16 17.71 -18.87
CA GLY F 2 -15.50 18.15 -17.66
C GLY F 2 -15.36 16.94 -16.75
N ASP F 3 -14.26 16.91 -16.02
CA ASP F 3 -13.94 15.75 -15.23
C ASP F 3 -14.72 15.51 -13.97
N ARG F 4 -15.94 16.07 -13.78
CA ARG F 4 -16.67 15.72 -12.59
C ARG F 4 -18.02 15.26 -12.99
N LEU F 5 -18.58 14.36 -12.21
CA LEU F 5 -19.90 13.80 -12.40
C LEU F 5 -20.59 14.03 -11.08
N TYR F 6 -21.92 13.98 -11.12
CA TYR F 6 -22.76 14.38 -10.01
C TYR F 6 -23.88 13.43 -9.66
N ARG F 7 -24.14 13.18 -8.38
CA ARG F 7 -25.24 12.28 -8.00
C ARG F 7 -25.89 12.73 -6.70
N ALA F 8 -27.21 12.97 -6.76
CA ALA F 8 -28.03 13.27 -5.59
C ALA F 8 -28.31 11.96 -4.82
N ASP F 9 -28.11 11.87 -3.49
CA ASP F 9 -28.28 10.63 -2.77
C ASP F 9 -28.66 10.92 -1.33
N SER F 10 -29.61 10.23 -0.69
CA SER F 10 -29.96 10.51 0.70
C SER F 10 -29.02 9.95 1.74
N ARG F 11 -28.10 9.10 1.27
CA ARG F 11 -27.14 8.44 2.12
C ARG F 11 -26.02 9.46 2.42
N PRO F 12 -25.76 9.68 3.69
CA PRO F 12 -24.86 10.68 4.20
C PRO F 12 -23.41 10.27 4.17
N PRO F 13 -22.49 11.23 4.24
CA PRO F 13 -21.05 11.03 4.12
C PRO F 13 -20.37 9.94 4.94
N ASP F 14 -20.66 9.90 6.23
CA ASP F 14 -20.09 8.87 7.08
C ASP F 14 -20.64 7.46 6.80
N GLU F 15 -21.84 7.26 6.25
CA GLU F 15 -22.35 5.94 5.91
C GLU F 15 -21.62 5.50 4.68
N ILE F 16 -21.54 6.35 3.66
CA ILE F 16 -20.74 6.15 2.45
C ILE F 16 -19.31 5.77 2.84
N LYS F 17 -18.76 6.40 3.86
CA LYS F 17 -17.43 6.10 4.38
C LYS F 17 -17.44 4.66 4.91
N ARG F 18 -18.48 4.21 5.61
CA ARG F 18 -18.56 2.85 6.12
C ARG F 18 -18.75 1.81 5.03
N SER F 19 -19.59 2.09 4.03
CA SER F 19 -19.78 1.21 2.89
C SER F 19 -18.57 1.18 1.95
N GLY F 20 -17.60 2.10 2.08
CA GLY F 20 -16.47 2.14 1.18
C GLY F 20 -16.84 2.88 -0.08
N GLY F 21 -17.95 3.61 -0.13
CA GLY F 21 -18.30 4.36 -1.31
C GLY F 21 -19.78 4.31 -1.52
N LEU F 22 -20.21 4.76 -2.70
CA LEU F 22 -21.62 4.76 -3.14
C LEU F 22 -21.95 3.42 -3.80
N MET F 23 -22.67 2.60 -3.09
CA MET F 23 -22.89 1.24 -3.48
C MET F 23 -24.17 1.04 -4.24
N PRO F 24 -24.27 0.09 -5.19
CA PRO F 24 -25.55 -0.29 -5.76
C PRO F 24 -26.41 -1.02 -4.75
N ARG F 25 -27.68 -1.18 -5.09
CA ARG F 25 -28.64 -1.83 -4.24
C ARG F 25 -28.23 -3.24 -3.88
N GLY F 26 -28.30 -3.44 -2.57
CA GLY F 26 -27.98 -4.70 -1.92
C GLY F 26 -26.51 -5.03 -1.80
N HIS F 27 -25.60 -4.09 -1.99
CA HIS F 27 -24.20 -4.42 -1.83
C HIS F 27 -23.81 -3.51 -0.67
N ASN F 28 -23.17 -4.05 0.36
CA ASN F 28 -22.92 -3.23 1.55
C ASN F 28 -21.53 -2.72 1.78
N GLU F 29 -20.51 -3.38 1.21
CA GLU F 29 -19.12 -2.98 1.32
C GLU F 29 -18.59 -3.09 -0.11
N TYR F 30 -17.72 -2.16 -0.51
CA TYR F 30 -17.23 -2.12 -1.86
C TYR F 30 -16.45 -3.37 -2.22
N PHE F 31 -15.61 -3.82 -1.30
CA PHE F 31 -14.78 -4.95 -1.60
C PHE F 31 -15.37 -6.32 -1.29
N ASP F 32 -16.64 -6.40 -0.91
CA ASP F 32 -17.28 -7.65 -0.58
C ASP F 32 -17.61 -8.45 -1.82
N ARG F 33 -17.03 -9.65 -1.80
CA ARG F 33 -17.18 -10.62 -2.86
C ARG F 33 -18.30 -11.63 -2.62
N GLY F 34 -18.64 -11.92 -1.36
CA GLY F 34 -19.66 -12.92 -1.04
C GLY F 34 -21.09 -12.47 -1.39
N THR F 35 -21.39 -11.19 -1.27
CA THR F 35 -22.69 -10.64 -1.63
C THR F 35 -22.59 -10.49 -3.13
N GLN F 36 -22.90 -11.61 -3.77
CA GLN F 36 -22.84 -11.67 -5.20
C GLN F 36 -24.10 -10.97 -5.73
N MET F 37 -23.77 -10.02 -6.60
CA MET F 37 -24.67 -9.02 -7.14
C MET F 37 -25.00 -9.23 -8.63
N ASN F 38 -26.22 -8.97 -9.14
CA ASN F 38 -26.49 -9.05 -10.58
C ASN F 38 -25.90 -7.77 -11.18
N ILE F 39 -25.08 -7.81 -12.23
CA ILE F 39 -24.51 -6.61 -12.83
C ILE F 39 -24.96 -6.68 -14.27
N ASN F 40 -25.83 -5.77 -14.70
CA ASN F 40 -26.28 -5.79 -16.08
C ASN F 40 -26.62 -4.38 -16.51
N LEU F 41 -25.89 -3.80 -17.47
CA LEU F 41 -26.17 -2.40 -17.85
C LEU F 41 -27.58 -2.08 -18.38
N TYR F 42 -28.09 -2.94 -19.24
CA TYR F 42 -29.38 -2.78 -19.83
C TYR F 42 -30.49 -2.77 -18.80
N ASP F 43 -30.47 -3.76 -17.92
CA ASP F 43 -31.47 -3.84 -16.89
C ASP F 43 -31.26 -2.67 -15.97
N HIS F 44 -30.02 -2.29 -15.65
CA HIS F 44 -29.82 -1.09 -14.82
C HIS F 44 -30.43 0.14 -15.48
N ALA F 45 -30.23 0.47 -16.75
CA ALA F 45 -30.73 1.70 -17.33
C ALA F 45 -32.23 1.83 -17.40
N ARG F 46 -32.91 0.69 -17.46
CA ARG F 46 -34.37 0.59 -17.52
C ARG F 46 -35.11 0.57 -16.20
N GLY F 47 -34.42 0.39 -15.07
CA GLY F 47 -35.09 0.22 -13.80
C GLY F 47 -35.40 1.54 -13.14
N THR F 48 -36.34 1.60 -12.20
CA THR F 48 -36.60 2.79 -11.37
C THR F 48 -36.76 2.29 -9.95
N GLN F 49 -36.21 3.00 -8.97
CA GLN F 49 -36.43 2.61 -7.58
C GLN F 49 -37.21 3.80 -7.01
N THR F 50 -37.84 3.68 -5.85
CA THR F 50 -38.43 4.86 -5.26
C THR F 50 -37.36 5.45 -4.35
N GLY F 51 -37.23 6.79 -4.29
CA GLY F 51 -36.29 7.40 -3.37
C GLY F 51 -34.80 7.15 -3.63
N PHE F 52 -34.46 6.68 -4.83
CA PHE F 52 -33.09 6.49 -5.22
C PHE F 52 -33.01 6.75 -6.71
N VAL F 53 -32.00 7.56 -7.03
CA VAL F 53 -31.58 7.78 -8.40
C VAL F 53 -31.03 6.39 -8.79
N ARG F 54 -31.28 5.98 -10.01
CA ARG F 54 -30.93 4.64 -10.48
C ARG F 54 -29.66 4.04 -9.88
N TYR F 55 -29.77 3.05 -9.01
CA TYR F 55 -28.62 2.35 -8.44
C TYR F 55 -28.79 0.80 -8.37
N ASP F 56 -29.70 0.18 -9.14
CA ASP F 56 -29.82 -1.27 -9.14
C ASP F 56 -29.10 -1.95 -10.30
N ASP F 57 -28.99 -3.28 -10.21
CA ASP F 57 -28.33 -4.18 -11.15
C ASP F 57 -26.87 -3.82 -11.40
N GLY F 58 -26.25 -3.55 -10.26
CA GLY F 58 -24.80 -3.45 -10.21
C GLY F 58 -24.15 -2.15 -10.63
N TYR F 59 -24.89 -1.13 -11.02
CA TYR F 59 -24.29 0.13 -11.42
C TYR F 59 -24.85 1.25 -10.56
N VAL F 60 -24.18 2.41 -10.42
CA VAL F 60 -24.72 3.58 -9.70
C VAL F 60 -24.70 4.73 -10.72
N SER F 61 -25.86 5.32 -10.99
CA SER F 61 -26.01 6.35 -11.98
C SER F 61 -25.55 7.73 -11.51
N THR F 62 -24.91 8.54 -12.37
CA THR F 62 -24.46 9.89 -12.04
C THR F 62 -24.85 10.80 -13.24
N SER F 63 -24.70 12.12 -13.10
CA SER F 63 -25.11 13.09 -14.10
C SER F 63 -23.90 13.91 -14.46
N LEU F 64 -24.00 14.56 -15.61
CA LEU F 64 -22.94 15.44 -16.09
C LEU F 64 -22.93 16.82 -15.43
N SER F 65 -23.99 17.32 -14.79
CA SER F 65 -23.95 18.65 -14.21
C SER F 65 -24.55 18.68 -12.85
N LEU F 66 -24.17 19.63 -11.99
CA LEU F 66 -24.80 19.80 -10.69
C LEU F 66 -26.32 20.08 -10.85
N ARG F 67 -26.70 20.81 -11.90
CA ARG F 67 -28.08 21.13 -12.21
C ARG F 67 -28.87 19.88 -12.50
N SER F 68 -28.47 19.01 -13.43
CA SER F 68 -29.19 17.77 -13.69
C SER F 68 -29.29 16.97 -12.43
N ALA F 69 -28.23 16.81 -11.65
CA ALA F 69 -28.32 15.99 -10.48
C ALA F 69 -29.27 16.60 -9.50
N HIS F 70 -29.35 17.92 -9.49
CA HIS F 70 -30.24 18.58 -8.56
C HIS F 70 -31.69 18.37 -8.99
N LEU F 71 -31.95 18.42 -10.28
CA LEU F 71 -33.26 18.17 -10.83
C LEU F 71 -33.68 16.76 -10.51
N ALA F 72 -32.77 15.81 -10.71
CA ALA F 72 -33.01 14.42 -10.34
C ALA F 72 -33.37 14.34 -8.87
N GLY F 73 -32.56 14.90 -7.98
CA GLY F 73 -32.80 14.85 -6.57
C GLY F 73 -34.14 15.48 -6.20
N GLN F 74 -34.56 16.57 -6.84
CA GLN F 74 -35.81 17.22 -6.47
C GLN F 74 -37.02 16.38 -6.84
N SER F 75 -36.95 15.69 -7.95
CA SER F 75 -38.01 14.79 -8.38
C SER F 75 -38.08 13.52 -7.50
N ILE F 76 -36.92 13.01 -7.08
CA ILE F 76 -36.83 11.73 -6.41
C ILE F 76 -36.62 11.76 -4.89
N LEU F 77 -36.03 12.77 -4.26
CA LEU F 77 -35.69 12.75 -2.85
C LEU F 77 -36.41 13.87 -2.14
N SER F 78 -37.47 14.38 -2.75
CA SER F 78 -38.26 15.55 -2.34
C SER F 78 -38.74 15.65 -0.89
N GLY F 79 -39.14 14.53 -0.30
CA GLY F 79 -39.62 14.56 1.07
C GLY F 79 -38.52 14.79 2.10
N TYR F 80 -37.30 14.37 1.73
CA TYR F 80 -36.14 14.47 2.59
C TYR F 80 -35.79 15.92 2.85
N SER F 81 -35.42 16.18 4.10
CA SER F 81 -35.01 17.52 4.48
C SER F 81 -33.59 17.80 4.06
N THR F 82 -32.77 16.76 4.08
CA THR F 82 -31.38 16.87 3.73
C THR F 82 -31.05 15.68 2.87
N TYR F 83 -30.47 15.96 1.73
CA TYR F 83 -29.86 14.88 0.96
C TYR F 83 -28.54 15.49 0.53
N TYR F 84 -27.71 14.79 -0.24
CA TYR F 84 -26.40 15.29 -0.61
C TYR F 84 -26.23 15.16 -2.09
N ILE F 85 -25.41 16.01 -2.69
CA ILE F 85 -25.00 15.77 -4.07
C ILE F 85 -23.49 15.54 -4.02
N TYR F 86 -23.07 14.32 -4.35
CA TYR F 86 -21.65 13.89 -4.35
C TYR F 86 -21.03 14.31 -5.68
N VAL F 87 -19.79 14.77 -5.64
CA VAL F 87 -19.04 15.19 -6.80
C VAL F 87 -18.04 14.04 -6.97
N ILE F 88 -17.99 13.45 -8.14
CA ILE F 88 -17.28 12.22 -8.36
C ILE F 88 -16.34 12.45 -9.50
N ALA F 89 -15.12 11.93 -9.48
CA ALA F 89 -14.22 12.05 -10.61
C ALA F 89 -14.46 11.01 -11.71
N THR F 90 -14.12 11.27 -12.98
CA THR F 90 -14.21 10.28 -14.03
C THR F 90 -13.04 9.28 -13.88
N ALA F 91 -13.31 8.02 -14.20
CA ALA F 91 -12.34 6.93 -14.17
C ALA F 91 -12.96 5.81 -15.00
N PRO F 92 -12.23 4.81 -15.45
CA PRO F 92 -12.75 3.76 -16.31
C PRO F 92 -13.76 2.80 -15.69
N ASN F 93 -14.26 2.95 -14.46
CA ASN F 93 -15.35 2.16 -13.99
C ASN F 93 -16.63 2.82 -14.44
N MET F 94 -16.62 3.94 -15.17
CA MET F 94 -17.81 4.70 -15.50
C MET F 94 -18.13 4.48 -16.94
N PHE F 95 -19.39 4.29 -17.39
CA PHE F 95 -19.66 4.12 -18.82
C PHE F 95 -20.79 5.06 -19.20
N ASN F 96 -20.70 5.64 -20.38
CA ASN F 96 -21.70 6.56 -20.85
C ASN F 96 -22.83 5.70 -21.38
N VAL F 97 -24.03 5.76 -20.79
CA VAL F 97 -25.12 4.85 -21.11
C VAL F 97 -25.65 4.99 -22.55
N ASN F 98 -25.81 6.24 -23.02
CA ASN F 98 -26.29 6.48 -24.38
C ASN F 98 -25.28 5.96 -25.39
N ASP F 99 -23.97 6.02 -25.11
CA ASP F 99 -22.92 5.52 -25.99
C ASP F 99 -22.84 4.00 -26.05
N VAL F 100 -22.93 3.30 -24.92
CA VAL F 100 -22.89 1.85 -24.94
C VAL F 100 -24.21 1.30 -25.47
N LEU F 101 -25.39 1.80 -25.10
CA LEU F 101 -26.62 1.14 -25.51
C LEU F 101 -27.18 1.66 -26.84
N GLY F 102 -26.64 2.80 -27.26
CA GLY F 102 -26.93 3.41 -28.55
C GLY F 102 -28.40 3.77 -28.67
N VAL F 103 -28.98 3.40 -29.81
CA VAL F 103 -30.40 3.66 -30.06
C VAL F 103 -31.26 2.93 -29.05
N TYR F 104 -30.73 1.90 -28.40
CA TYR F 104 -31.52 1.13 -27.45
C TYR F 104 -31.46 1.73 -26.08
N SER F 105 -30.84 2.88 -25.96
CA SER F 105 -30.74 3.59 -24.71
C SER F 105 -32.14 3.95 -24.23
N PRO F 106 -32.60 3.53 -23.05
CA PRO F 106 -33.96 3.74 -22.54
C PRO F 106 -34.42 5.16 -22.28
N HIS F 107 -33.47 5.97 -21.82
CA HIS F 107 -33.76 7.28 -21.32
C HIS F 107 -32.69 8.24 -21.84
N PRO F 108 -32.55 8.44 -23.16
CA PRO F 108 -31.43 9.13 -23.78
C PRO F 108 -31.21 10.54 -23.25
N TYR F 109 -32.34 11.23 -23.13
CA TYR F 109 -32.34 12.62 -22.70
C TYR F 109 -31.76 12.84 -21.31
N GLU F 110 -31.69 11.82 -20.44
CA GLU F 110 -31.10 12.00 -19.13
C GLU F 110 -29.60 12.01 -19.17
N GLN F 111 -28.97 11.41 -20.17
CA GLN F 111 -27.52 11.33 -20.29
C GLN F 111 -26.82 10.82 -19.02
N GLU F 112 -27.06 9.59 -18.61
CA GLU F 112 -26.45 9.08 -17.40
C GLU F 112 -25.06 8.55 -17.68
N VAL F 113 -24.15 8.58 -16.73
CA VAL F 113 -22.84 7.90 -16.82
C VAL F 113 -22.92 6.91 -15.65
N SER F 114 -22.81 5.59 -15.80
CA SER F 114 -23.03 4.68 -14.68
C SER F 114 -21.79 3.98 -14.19
N ALA F 115 -21.61 3.86 -12.89
CA ALA F 115 -20.42 3.27 -12.34
C ALA F 115 -20.66 1.81 -12.10
N LEU F 116 -19.89 0.95 -12.77
CA LEU F 116 -19.95 -0.48 -12.60
C LEU F 116 -19.41 -0.87 -11.22
N GLY F 117 -20.30 -1.37 -10.36
CA GLY F 117 -19.87 -1.88 -9.07
C GLY F 117 -19.94 -0.89 -7.91
N GLY F 118 -20.34 0.35 -8.24
CA GLY F 118 -20.43 1.40 -7.25
C GLY F 118 -19.28 2.37 -7.41
N ILE F 119 -19.11 3.34 -6.53
CA ILE F 119 -18.09 4.36 -6.68
C ILE F 119 -17.29 4.28 -5.41
N PRO F 120 -15.99 3.88 -5.48
CA PRO F 120 -15.17 3.84 -4.31
C PRO F 120 -15.04 5.24 -3.67
N TYR F 121 -15.08 5.33 -2.34
CA TYR F 121 -14.98 6.57 -1.60
C TYR F 121 -13.78 7.44 -1.98
N SER F 122 -12.64 6.86 -2.37
CA SER F 122 -11.48 7.63 -2.77
C SER F 122 -11.63 8.33 -4.12
N GLN F 123 -12.69 8.01 -4.84
CA GLN F 123 -13.03 8.57 -6.13
C GLN F 123 -13.98 9.74 -5.95
N ILE F 124 -14.46 10.06 -4.74
CA ILE F 124 -15.49 11.08 -4.49
C ILE F 124 -14.71 12.30 -4.09
N TYR F 125 -14.83 13.29 -4.91
CA TYR F 125 -14.14 14.52 -4.71
C TYR F 125 -14.70 15.24 -3.49
N GLY F 126 -16.00 15.38 -3.32
CA GLY F 126 -16.56 16.09 -2.20
C GLY F 126 -18.06 16.03 -2.32
N TRP F 127 -18.80 16.83 -1.57
CA TRP F 127 -20.26 16.83 -1.66
C TRP F 127 -20.84 18.17 -1.24
N TYR F 128 -22.07 18.43 -1.67
CA TYR F 128 -22.84 19.63 -1.29
C TYR F 128 -24.02 19.13 -0.47
N ARG F 129 -24.39 19.80 0.63
CA ARG F 129 -25.58 19.39 1.34
C ARG F 129 -26.74 20.10 0.68
N VAL F 130 -27.90 19.45 0.58
CA VAL F 130 -29.08 20.08 0.03
C VAL F 130 -30.06 20.10 1.19
N ASN F 131 -30.60 21.26 1.55
CA ASN F 131 -31.52 21.42 2.68
C ASN F 131 -32.82 21.99 2.19
N PHE F 132 -33.90 21.25 2.29
CA PHE F 132 -35.21 21.67 1.84
C PHE F 132 -35.17 22.04 0.38
N GLY F 133 -34.37 21.30 -0.40
CA GLY F 133 -34.32 21.52 -1.83
C GLY F 133 -33.38 22.63 -2.24
N VAL F 134 -32.78 23.32 -1.28
CA VAL F 134 -31.83 24.38 -1.59
C VAL F 134 -30.39 23.89 -1.44
N ILE F 135 -29.57 24.00 -2.50
CA ILE F 135 -28.20 23.54 -2.41
C ILE F 135 -27.41 24.54 -1.56
N ASP F 136 -26.82 24.08 -0.47
CA ASP F 136 -25.85 24.90 0.20
C ASP F 136 -24.65 24.76 -0.74
N GLU F 137 -24.25 25.79 -1.48
CA GLU F 137 -23.15 25.68 -2.43
C GLU F 137 -21.72 25.69 -1.91
N ARG F 138 -21.50 25.56 -0.62
CA ARG F 138 -20.17 25.53 -0.08
C ARG F 138 -19.75 24.08 -0.16
N LEU F 139 -18.83 23.74 -1.07
CA LEU F 139 -18.34 22.39 -1.25
C LEU F 139 -17.55 21.84 -0.09
N HIS F 140 -17.84 20.64 0.39
CA HIS F 140 -16.99 20.10 1.42
C HIS F 140 -16.16 19.14 0.61
N ARG F 141 -14.86 19.23 0.74
CA ARG F 141 -13.95 18.37 0.03
C ARG F 141 -13.78 17.10 0.83
N ASN F 142 -13.58 16.01 0.12
CA ASN F 142 -13.34 14.70 0.72
C ASN F 142 -11.85 14.55 1.06
N ARG F 143 -11.51 14.40 2.34
CA ARG F 143 -10.12 14.17 2.74
C ARG F 143 -9.48 12.95 2.07
N GLU F 144 -10.20 11.89 1.70
CA GLU F 144 -9.58 10.69 1.17
C GLU F 144 -9.59 10.55 -0.34
N TYR F 145 -9.99 11.61 -1.07
CA TYR F 145 -9.96 11.60 -2.53
C TYR F 145 -8.49 11.42 -2.99
N ARG F 146 -8.13 10.64 -4.03
CA ARG F 146 -6.73 10.46 -4.41
C ARG F 146 -6.59 11.38 -5.60
N ASP F 147 -6.11 12.58 -5.30
CA ASP F 147 -6.00 13.67 -6.24
C ASP F 147 -5.09 13.34 -7.41
N ARG F 148 -3.87 12.89 -7.09
CA ARG F 148 -2.91 12.58 -8.11
C ARG F 148 -3.38 11.43 -9.01
N TYR F 149 -3.89 10.38 -8.39
CA TYR F 149 -4.36 9.23 -9.16
C TYR F 149 -5.51 9.56 -10.09
N TYR F 150 -6.59 10.14 -9.53
CA TYR F 150 -7.76 10.48 -10.35
C TYR F 150 -7.62 11.68 -11.28
N ARG F 151 -6.67 12.56 -11.03
CA ARG F 151 -6.38 13.74 -11.80
C ARG F 151 -6.64 13.64 -13.29
N ASN F 152 -5.98 12.70 -13.90
CA ASN F 152 -5.99 12.61 -15.32
C ASN F 152 -6.84 11.46 -15.89
N LEU F 153 -7.79 10.87 -15.16
CA LEU F 153 -8.46 9.70 -15.69
C LEU F 153 -9.77 10.05 -16.38
N ASN F 154 -10.21 9.12 -17.19
CA ASN F 154 -11.35 9.40 -18.00
C ASN F 154 -12.42 8.36 -17.91
N ILE F 155 -13.59 8.55 -18.48
CA ILE F 155 -14.64 7.51 -18.60
C ILE F 155 -14.09 6.29 -19.32
N ALA F 156 -14.64 5.09 -19.19
CA ALA F 156 -14.19 3.96 -19.99
C ALA F 156 -14.69 4.25 -21.40
N PRO F 157 -14.03 3.92 -22.51
CA PRO F 157 -14.61 4.07 -23.84
C PRO F 157 -15.81 3.15 -24.08
N ALA F 158 -16.80 3.53 -24.92
CA ALA F 158 -17.98 2.72 -25.23
C ALA F 158 -17.60 1.32 -25.71
N GLU F 159 -16.51 1.21 -26.44
CA GLU F 159 -15.95 -0.04 -26.90
C GLU F 159 -15.82 -1.13 -25.86
N ASP F 160 -15.36 -0.64 -24.71
CA ASP F 160 -15.14 -1.52 -23.59
C ASP F 160 -16.49 -1.89 -23.01
N GLY F 161 -17.47 -1.02 -23.24
CA GLY F 161 -18.78 -1.23 -22.75
C GLY F 161 -19.61 -2.14 -23.60
N TYR F 162 -19.40 -2.26 -24.91
CA TYR F 162 -20.26 -3.12 -25.72
C TYR F 162 -20.42 -4.54 -25.27
N ARG F 163 -19.36 -5.28 -24.89
CA ARG F 163 -19.61 -6.65 -24.51
C ARG F 163 -20.23 -6.75 -23.14
N LEU F 164 -20.38 -5.64 -22.42
CA LEU F 164 -21.03 -5.65 -21.12
C LEU F 164 -22.42 -5.03 -21.24
N ALA F 165 -22.91 -4.66 -22.41
CA ALA F 165 -24.20 -3.96 -22.53
C ALA F 165 -25.37 -4.71 -21.90
N GLY F 166 -25.41 -6.05 -21.94
CA GLY F 166 -26.40 -6.79 -21.19
C GLY F 166 -27.73 -7.01 -21.85
N PHE F 167 -27.82 -6.74 -23.13
CA PHE F 167 -29.05 -7.01 -23.84
C PHE F 167 -29.41 -8.48 -23.69
N PRO F 168 -30.72 -8.77 -23.63
CA PRO F 168 -31.19 -10.14 -23.63
C PRO F 168 -30.69 -10.95 -24.83
N PRO F 169 -30.60 -12.29 -24.71
CA PRO F 169 -30.11 -13.18 -25.77
C PRO F 169 -30.83 -13.06 -27.10
N ASP F 170 -32.08 -12.60 -27.09
CA ASP F 170 -32.91 -12.47 -28.28
C ASP F 170 -32.96 -11.06 -28.82
N HIS F 171 -32.25 -10.11 -28.18
CA HIS F 171 -32.42 -8.72 -28.54
C HIS F 171 -31.78 -8.44 -29.87
N GLN F 172 -32.40 -7.83 -30.90
CA GLN F 172 -31.71 -7.72 -32.17
C GLN F 172 -30.41 -6.94 -32.12
N ALA F 173 -30.23 -6.03 -31.14
CA ALA F 173 -28.95 -5.42 -30.92
C ALA F 173 -27.77 -6.41 -31.04
N TRP F 174 -27.84 -7.68 -30.61
CA TRP F 174 -26.69 -8.58 -30.72
C TRP F 174 -26.34 -9.04 -32.13
N ARG F 175 -27.26 -8.72 -33.05
CA ARG F 175 -27.25 -9.05 -34.47
C ARG F 175 -26.83 -7.87 -35.35
N GLU F 176 -26.62 -6.68 -34.78
CA GLU F 176 -26.22 -5.53 -35.54
C GLU F 176 -24.96 -4.90 -34.98
N GLU F 177 -24.43 -3.98 -35.77
CA GLU F 177 -23.23 -3.30 -35.40
C GLU F 177 -23.56 -2.13 -34.46
N PRO F 178 -22.73 -1.80 -33.47
CA PRO F 178 -21.44 -2.46 -33.22
C PRO F 178 -21.39 -3.65 -32.28
N TRP F 179 -22.48 -4.02 -31.65
CA TRP F 179 -22.51 -5.04 -30.64
C TRP F 179 -22.18 -6.41 -31.19
N ILE F 180 -22.56 -6.68 -32.44
CA ILE F 180 -22.33 -7.99 -33.03
C ILE F 180 -20.87 -8.41 -32.90
N HIS F 181 -19.97 -7.47 -33.10
CA HIS F 181 -18.54 -7.75 -33.05
C HIS F 181 -18.05 -7.95 -31.62
N HIS F 182 -18.89 -7.92 -30.59
CA HIS F 182 -18.46 -7.97 -29.21
C HIS F 182 -19.39 -8.84 -28.42
N ALA F 183 -20.41 -9.45 -29.02
CA ALA F 183 -21.36 -10.28 -28.31
C ALA F 183 -20.75 -11.38 -27.42
N PRO F 184 -21.07 -11.45 -26.09
CA PRO F 184 -20.65 -12.52 -25.17
C PRO F 184 -21.16 -13.85 -25.72
N GLN F 185 -20.68 -14.97 -25.19
CA GLN F 185 -21.10 -16.21 -25.79
C GLN F 185 -22.53 -16.53 -25.43
N GLY F 186 -23.30 -16.91 -26.43
CA GLY F 186 -24.69 -17.25 -26.18
C GLY F 186 -25.63 -16.08 -26.39
N CYS F 187 -25.12 -14.94 -26.85
CA CYS F 187 -25.93 -13.76 -27.16
C CYS F 187 -25.96 -13.66 -28.68
N GLY F 188 -27.10 -13.66 -29.38
CA GLY F 188 -27.15 -13.60 -30.84
C GLY F 188 -27.87 -14.80 -31.47
N GLY G 5 -31.58 -17.55 -23.32
CA GLY G 5 -30.49 -18.48 -23.25
C GLY G 5 -29.65 -18.00 -22.09
N ASP G 6 -29.48 -18.88 -21.10
CA ASP G 6 -28.73 -18.59 -19.88
C ASP G 6 -27.33 -18.14 -20.26
N THR G 7 -26.67 -18.87 -21.15
CA THR G 7 -25.31 -18.58 -21.55
C THR G 7 -25.08 -17.12 -21.88
N CYS G 8 -25.99 -16.42 -22.56
CA CYS G 8 -25.81 -15.00 -22.78
C CYS G 8 -25.69 -14.23 -21.47
N ASN G 9 -26.66 -14.46 -20.59
CA ASN G 9 -26.75 -13.71 -19.35
C ASN G 9 -25.71 -14.02 -18.31
N GLU G 10 -25.30 -15.29 -18.19
CA GLU G 10 -24.31 -15.60 -17.19
C GLU G 10 -22.97 -15.19 -17.78
N GLU G 11 -22.79 -15.14 -19.12
CA GLU G 11 -21.58 -14.63 -19.73
C GLU G 11 -21.46 -13.14 -19.40
N THR G 12 -22.54 -12.37 -19.63
CA THR G 12 -22.64 -10.96 -19.29
C THR G 12 -22.23 -10.76 -17.85
N GLN G 13 -22.86 -11.51 -16.97
CA GLN G 13 -22.53 -11.50 -15.56
C GLN G 13 -21.04 -11.70 -15.28
N ASN G 14 -20.49 -12.73 -15.91
CA ASN G 14 -19.14 -13.15 -15.67
C ASN G 14 -18.13 -12.14 -16.18
N LEU G 15 -18.35 -11.56 -17.34
CA LEU G 15 -17.50 -10.51 -17.89
C LEU G 15 -17.57 -9.19 -17.11
N SER G 16 -18.74 -8.79 -16.62
CA SER G 16 -18.90 -7.61 -15.83
C SER G 16 -18.20 -7.82 -14.51
N THR G 17 -18.29 -9.00 -13.90
CA THR G 17 -17.57 -9.23 -12.67
C THR G 17 -16.07 -9.21 -12.85
N ILE G 18 -15.57 -9.70 -13.97
CA ILE G 18 -14.15 -9.67 -14.25
C ILE G 18 -13.73 -8.24 -14.34
N TYR G 19 -14.52 -7.45 -15.10
CA TYR G 19 -14.22 -6.07 -15.30
C TYR G 19 -14.19 -5.40 -13.95
N LEU G 20 -15.16 -5.65 -13.09
CA LEU G 20 -15.17 -5.08 -11.77
C LEU G 20 -13.97 -5.48 -10.93
N ARG G 21 -13.58 -6.77 -10.79
CA ARG G 21 -12.48 -7.22 -9.90
C ARG G 21 -11.20 -6.57 -10.35
N GLU G 22 -11.00 -6.42 -11.64
CA GLU G 22 -9.82 -5.72 -12.12
C GLU G 22 -9.77 -4.24 -11.80
N TYR G 23 -10.91 -3.52 -11.78
CA TYR G 23 -10.90 -2.12 -11.39
C TYR G 23 -10.67 -2.13 -9.89
N GLN G 24 -11.25 -3.04 -9.10
CA GLN G 24 -10.99 -3.08 -7.66
C GLN G 24 -9.51 -3.32 -7.38
N SER G 25 -8.71 -3.97 -8.23
CA SER G 25 -7.29 -4.13 -7.99
C SER G 25 -6.58 -2.80 -8.13
N LYS G 26 -6.95 -1.89 -9.07
CA LYS G 26 -6.33 -0.56 -9.21
C LYS G 26 -6.57 0.30 -7.97
N VAL G 27 -7.77 0.19 -7.36
CA VAL G 27 -8.12 0.91 -6.13
C VAL G 27 -7.30 0.35 -4.96
N LYS G 28 -7.22 -0.98 -4.79
CA LYS G 28 -6.42 -1.61 -3.77
C LYS G 28 -4.97 -1.22 -3.96
N ARG G 29 -4.40 -1.09 -5.16
CA ARG G 29 -3.01 -0.67 -5.32
C ARG G 29 -2.86 0.73 -4.82
N GLN G 30 -3.91 1.53 -4.85
CA GLN G 30 -3.86 2.88 -4.30
C GLN G 30 -4.01 2.86 -2.80
N ILE G 31 -5.11 2.34 -2.24
CA ILE G 31 -5.24 2.47 -0.81
C ILE G 31 -4.41 1.47 -0.04
N PHE G 32 -4.09 0.26 -0.50
CA PHE G 32 -3.27 -0.59 0.35
C PHE G 32 -1.81 -0.22 0.40
N SER G 33 -1.30 0.46 -0.61
CA SER G 33 0.06 0.85 -0.62
C SER G 33 0.41 1.87 0.46
N ASP G 34 -0.52 2.62 1.06
CA ASP G 34 -0.16 3.53 2.14
C ASP G 34 0.29 2.76 3.38
N TYR G 35 -0.05 1.48 3.51
CA TYR G 35 0.36 0.67 4.65
C TYR G 35 1.68 -0.08 4.49
N GLN G 36 2.29 -0.06 3.29
CA GLN G 36 3.53 -0.77 2.98
C GLN G 36 4.69 -0.13 3.73
N SER G 37 5.40 -0.90 4.55
CA SER G 37 6.49 -0.37 5.35
C SER G 37 7.73 -1.07 4.82
N GLU G 38 8.76 -0.29 4.59
CA GLU G 38 9.96 -0.85 4.01
C GLU G 38 10.91 -1.36 5.11
N VAL G 39 11.61 -2.44 4.74
CA VAL G 39 12.54 -3.20 5.59
C VAL G 39 13.99 -2.87 5.26
N ASP G 40 14.86 -2.74 6.28
CA ASP G 40 16.27 -2.53 6.02
C ASP G 40 16.73 -3.98 5.92
N ILE G 41 16.96 -4.43 4.69
CA ILE G 41 17.29 -5.83 4.43
C ILE G 41 18.67 -6.17 4.96
N TYR G 42 19.62 -5.25 4.82
CA TYR G 42 20.94 -5.47 5.33
C TYR G 42 20.92 -5.70 6.83
N ASN G 43 20.18 -5.00 7.69
CA ASN G 43 20.28 -5.29 9.11
C ASN G 43 19.47 -6.54 9.50
N ARG G 44 18.45 -6.89 8.73
CA ARG G 44 17.66 -8.10 8.95
C ARG G 44 18.46 -9.40 8.79
N ILE G 45 19.26 -9.40 7.72
CA ILE G 45 20.13 -10.49 7.33
C ILE G 45 21.45 -10.53 8.07
N ARG G 46 21.95 -9.37 8.48
CA ARG G 46 23.19 -9.18 9.23
C ARG G 46 23.38 -10.04 10.48
N ASP G 47 22.46 -10.96 10.84
CA ASP G 47 22.72 -11.91 11.92
C ASP G 47 23.02 -13.32 11.35
N GLU G 48 22.42 -13.66 10.19
CA GLU G 48 22.63 -14.87 9.40
C GLU G 48 21.57 -14.87 8.27
N LEU G 49 21.92 -15.67 7.23
CA LEU G 49 21.23 -16.00 5.96
C LEU G 49 20.25 -15.02 5.29
C1 GAL H . 8.79 -25.30 19.81
C2 GAL H . 7.87 -24.91 20.98
C3 GAL H . 6.70 -24.09 20.40
C4 GAL H . 7.26 -22.84 19.64
C5 GAL H . 8.30 -23.31 18.59
C6 GAL H . 9.03 -22.19 17.88
O1 GAL H . 9.80 -26.16 20.24
O2 GAL H . 7.43 -26.07 21.65
O3 GAL H . 5.79 -23.70 21.38
O4 GAL H . 7.83 -21.90 20.55
O5 GAL H . 9.31 -24.14 19.21
O6 GAL H . 10.09 -22.75 17.13
C1 GAL I . 20.47 -23.99 -7.66
C2 GAL I . 19.37 -25.05 -7.52
C3 GAL I . 17.99 -24.40 -7.72
C4 GAL I . 17.82 -23.22 -6.78
C5 GAL I . 18.98 -22.22 -7.00
C6 GAL I . 18.92 -20.99 -6.05
O1 GAL I . 21.70 -24.51 -7.29
O2 GAL I . 19.57 -26.09 -8.46
O3 GAL I . 16.95 -25.34 -7.48
O4 GAL I . 17.82 -23.69 -5.44
O5 GAL I . 20.22 -22.89 -6.80
O6 GAL I . 19.89 -20.03 -6.41
C1 GAL J . 30.66 3.65 -11.92
C2 GAL J . 30.22 2.92 -13.21
C3 GAL J . 28.71 3.09 -13.41
C4 GAL J . 27.96 2.62 -12.10
C5 GAL J . 28.50 3.40 -10.86
C6 GAL J . 27.79 3.06 -9.53
O1 GAL J . 32.03 3.52 -11.70
O2 GAL J . 30.92 3.40 -14.35
O3 GAL J . 28.26 2.40 -14.56
O4 GAL J . 28.09 1.21 -11.85
O5 GAL J . 29.92 3.16 -10.79
O6 GAL J . 28.63 3.17 -8.38
C1 GAL K . 25.73 19.56 13.00
C2 GAL K . 25.96 20.38 11.72
C3 GAL K . 24.63 20.42 10.90
C4 GAL K . 24.10 18.98 10.69
C5 GAL K . 24.06 18.17 12.00
C6 GAL K . 23.70 16.73 11.73
O1 GAL K . 26.87 19.62 13.82
O2 GAL K . 26.40 21.68 12.04
O3 GAL K . 24.82 21.07 9.67
O4 GAL K . 24.90 18.27 9.80
O5 GAL K . 25.34 18.21 12.64
O6 GAL K . 23.58 16.04 12.93
C1 GAL L . 12.37 1.59 32.28
C2 GAL L . 11.99 3.09 32.47
C3 GAL L . 10.84 3.48 31.56
C4 GAL L . 11.27 3.18 30.11
C5 GAL L . 11.54 1.69 30.01
C6 GAL L . 11.95 1.21 28.65
O1 GAL L . 13.56 1.25 32.95
O2 GAL L . 11.63 3.37 33.81
O3 GAL L . 10.48 4.84 31.74
O4 GAL L . 12.42 3.90 29.76
O5 GAL L . 12.59 1.32 30.90
O6 GAL L . 12.20 -0.18 28.76
#